data_8UCD
#
_entry.id   8UCD
#
_cell.length_a   1.00
_cell.length_b   1.00
_cell.length_c   1.00
_cell.angle_alpha   90.00
_cell.angle_beta   90.00
_cell.angle_gamma   90.00
#
_symmetry.space_group_name_H-M   'P 1'
#
loop_
_entity.id
_entity.type
_entity.pdbx_description
1 polymer 'Metalloreductase STEAP1'
2 polymer 'AMG 509 anti-STEAP1 Fab, heavy chain'
3 polymer 'AMG 509 anti-STEAP1 Fab, light chain'
4 non-polymer 1-palmitoyl-2-oleoyl-sn-glycero-3-phosphocholine
5 non-polymer 'FLAVIN-ADENINE DINUCLEOTIDE'
6 non-polymer 'PROTOPORPHYRIN IX CONTAINING FE'
7 water water
#
loop_
_entity_poly.entity_id
_entity_poly.type
_entity_poly.pdbx_seq_one_letter_code
_entity_poly.pdbx_strand_id
1 'polypeptide(L)'
;MESRKDITNQEELWKMKPRRNLEEDDYLHKDTGETSMLKRPVLLHLHQTAHADEFDCPSELQHTQELFPQWHLPIKIAAI
IASLTFLYTLLREVIHPLATSHQQYFYKIPILVINKVLPMVSITLLALVYLPGVIAAIVQLHNGTKYKKFPHWLDKWMLT
RKQFGLLSFFFAVLHAIYSLSYPMRRSYRYKLLNWAYQQVQQNKEDAWIEHDVWRMEIYVSLGIVGLAILALLAVTSIPS
VSDSLTWREFHYIQSKLGIVSLLLGTIHALIFAWNKWIDIKQFVWYTPPTFMIAVFLPIVVLIFKSILFLPCLRKKILKI
RHGWEDVTKINKTEICSQLGGGGSDYKDDDDK
;
A,B,C
2 'polypeptide(L)'
;QVQLVQSGAEVKKPGASVKVSCKASGYTFSTYWIEWVRQAPGQRLEWMGEILPGSGQTDFNEKFQGRVTFTADTSSDTAY
MELSSLRSEDTAVYYCTRWGYYGTRGYFNVWGQGTLVTVSSASTKGPSVFPLAPSSKSTSGGTAALGCLVKDYFPEPVTV
SWNSGALTSGVHTFPAVLQSSGLYSLSS
;
H
3 'polypeptide(L)'
;EIVLTQSPATLSLSPGERATLSCRASSSVSYMHWFQQKPGQAPRLLIYSTSNLASGIPARFSGSGSGTDYTLTISSLEPE
DFAVYYCQQRRSFPYTFGQGTKLEIKRTVAAPSVFIFPPSDEQLKSGTASVVCLLNNFYPREAKVQWKVDNALQSGNSQE
SVTEQDSKDSTYSLSSTLTLSKADYEKHKVYACEVTHQGLSSPVTKSFNRGEC
;
L
#
# COMPACT_ATOMS: atom_id res chain seq x y z
N GLU A 66 26.48 -11.68 36.28
CA GLU A 66 25.45 -11.59 37.31
C GLU A 66 24.08 -11.30 36.68
N LEU A 67 24.09 -10.48 35.64
CA LEU A 67 22.86 -10.12 34.94
C LEU A 67 22.64 -11.09 33.78
N PHE A 68 21.51 -11.81 33.84
CA PHE A 68 21.11 -12.77 32.82
C PHE A 68 22.20 -13.81 32.58
N PRO A 69 22.50 -14.66 33.55
CA PRO A 69 23.57 -15.67 33.35
C PRO A 69 23.27 -16.64 32.21
N GLN A 70 22.01 -17.00 32.00
CA GLN A 70 21.66 -17.99 30.98
C GLN A 70 21.56 -17.40 29.59
N TRP A 71 21.54 -16.07 29.47
CA TRP A 71 21.47 -15.41 28.17
C TRP A 71 22.84 -15.02 27.63
N HIS A 72 23.92 -15.32 28.35
CA HIS A 72 25.25 -14.91 27.90
C HIS A 72 25.67 -15.70 26.65
N LEU A 73 25.54 -17.03 26.70
CA LEU A 73 25.98 -17.84 25.57
C LEU A 73 25.18 -17.58 24.30
N PRO A 74 23.85 -17.58 24.30
CA PRO A 74 23.12 -17.36 23.04
C PRO A 74 23.41 -16.03 22.39
N ILE A 75 23.59 -14.95 23.17
CA ILE A 75 23.95 -13.66 22.61
C ILE A 75 25.37 -13.62 22.08
N LYS A 76 26.30 -14.32 22.72
CA LYS A 76 27.68 -14.39 22.26
C LYS A 76 27.82 -15.11 20.93
N ILE A 77 26.94 -16.06 20.64
CA ILE A 77 27.03 -16.82 19.39
C ILE A 77 26.38 -16.07 18.24
N ALA A 78 25.23 -15.44 18.49
CA ALA A 78 24.51 -14.76 17.43
C ALA A 78 25.30 -13.59 16.86
N ALA A 79 25.81 -12.72 17.74
CA ALA A 79 26.49 -11.51 17.31
C ALA A 79 27.62 -11.82 16.34
N ILE A 80 28.45 -12.81 16.69
CA ILE A 80 29.56 -13.20 15.82
C ILE A 80 29.03 -13.53 14.42
N ILE A 81 27.97 -14.33 14.36
CA ILE A 81 27.37 -14.69 13.08
C ILE A 81 27.02 -13.43 12.30
N ALA A 82 26.38 -12.48 12.97
CA ALA A 82 26.01 -11.23 12.31
C ALA A 82 27.24 -10.58 11.69
N SER A 83 28.33 -10.48 12.46
CA SER A 83 29.55 -9.92 11.92
C SER A 83 30.01 -10.71 10.71
N LEU A 84 30.04 -12.04 10.84
CA LEU A 84 30.51 -12.88 9.74
C LEU A 84 29.61 -12.76 8.52
N THR A 85 28.39 -12.26 8.68
CA THR A 85 27.57 -11.97 7.52
C THR A 85 27.83 -10.59 6.96
N PHE A 86 27.97 -9.59 7.84
CA PHE A 86 28.05 -8.20 7.39
C PHE A 86 29.20 -8.00 6.43
N LEU A 87 30.42 -8.24 6.91
CA LEU A 87 31.61 -8.09 6.07
C LEU A 87 31.56 -8.98 4.85
N TYR A 88 30.75 -10.04 4.87
CA TYR A 88 30.55 -10.84 3.67
C TYR A 88 29.76 -10.06 2.63
N THR A 89 28.57 -9.57 3.03
CA THR A 89 27.70 -8.90 2.06
C THR A 89 28.34 -7.63 1.54
N LEU A 90 28.96 -6.84 2.42
CA LEU A 90 29.66 -5.63 1.99
C LEU A 90 30.76 -5.95 1.00
N LEU A 91 31.29 -7.18 1.02
CA LEU A 91 32.34 -7.56 0.09
C LEU A 91 31.81 -7.99 -1.27
N ARG A 92 30.52 -8.26 -1.39
CA ARG A 92 29.96 -8.79 -2.63
C ARG A 92 29.09 -7.80 -3.39
N GLU A 93 28.54 -6.79 -2.73
CA GLU A 93 27.62 -5.86 -3.38
C GLU A 93 28.09 -4.42 -3.37
N VAL A 94 29.18 -4.10 -2.69
CA VAL A 94 29.70 -2.73 -2.60
C VAL A 94 31.15 -2.66 -3.05
N ILE A 95 32.01 -3.50 -2.48
CA ILE A 95 33.44 -3.44 -2.80
C ILE A 95 33.70 -3.93 -4.22
N HIS A 96 33.05 -5.03 -4.62
CA HIS A 96 33.27 -5.56 -5.95
C HIS A 96 32.81 -4.62 -7.05
N PRO A 97 31.60 -4.04 -7.02
CA PRO A 97 31.24 -3.08 -8.07
C PRO A 97 32.14 -1.86 -8.10
N LEU A 98 32.73 -1.49 -6.97
CA LEU A 98 33.65 -0.35 -6.96
C LEU A 98 35.00 -0.72 -7.55
N ALA A 99 35.46 -1.95 -7.33
CA ALA A 99 36.79 -2.35 -7.81
C ALA A 99 36.82 -2.43 -9.34
N THR A 100 35.79 -3.01 -9.94
CA THR A 100 35.69 -3.14 -11.39
C THR A 100 34.42 -2.43 -11.85
N SER A 101 34.54 -1.60 -12.89
CA SER A 101 33.44 -0.78 -13.38
C SER A 101 32.90 0.12 -12.26
N HIS A 102 33.76 1.06 -11.87
CA HIS A 102 33.58 1.87 -10.66
C HIS A 102 32.16 2.42 -10.56
N GLN A 103 31.44 1.96 -9.53
CA GLN A 103 30.09 2.39 -9.22
C GLN A 103 29.91 2.35 -7.71
N GLN A 104 29.42 3.45 -7.14
CA GLN A 104 29.31 3.58 -5.69
C GLN A 104 27.89 3.20 -5.27
N TYR A 105 27.72 1.97 -4.81
CA TYR A 105 26.45 1.50 -4.24
C TYR A 105 26.49 1.56 -2.72
N PHE A 106 26.75 2.75 -2.20
CA PHE A 106 26.87 2.94 -0.75
C PHE A 106 25.53 3.20 -0.08
N TYR A 107 24.46 3.40 -0.83
CA TYR A 107 23.15 3.65 -0.25
C TYR A 107 22.41 2.37 0.12
N LYS A 108 22.98 1.21 -0.14
CA LYS A 108 22.35 -0.06 0.18
C LYS A 108 22.66 -0.57 1.58
N ILE A 109 23.55 0.12 2.31
CA ILE A 109 23.92 -0.34 3.65
C ILE A 109 22.75 -0.30 4.63
N PRO A 110 22.00 0.80 4.76
CA PRO A 110 21.00 0.85 5.84
C PRO A 110 19.91 -0.21 5.78
N ILE A 111 19.47 -0.62 4.59
CA ILE A 111 18.32 -1.50 4.49
C ILE A 111 18.65 -2.78 3.73
N LEU A 112 19.16 -2.63 2.50
CA LEU A 112 19.35 -3.79 1.64
C LEU A 112 20.41 -4.74 2.20
N VAL A 113 21.52 -4.19 2.71
CA VAL A 113 22.56 -5.04 3.28
C VAL A 113 22.10 -5.65 4.59
N ILE A 114 21.40 -4.85 5.41
CA ILE A 114 20.96 -5.33 6.73
C ILE A 114 19.95 -6.47 6.59
N ASN A 115 19.08 -6.39 5.58
CA ASN A 115 18.04 -7.40 5.41
C ASN A 115 18.58 -8.76 4.98
N LYS A 116 19.86 -8.85 4.62
CA LYS A 116 20.48 -10.13 4.29
C LYS A 116 21.18 -10.77 5.48
N VAL A 117 21.08 -10.17 6.66
CA VAL A 117 21.74 -10.67 7.85
C VAL A 117 20.74 -11.29 8.83
N LEU A 118 19.57 -10.67 8.99
CA LEU A 118 18.59 -11.15 9.97
C LEU A 118 18.07 -12.54 9.64
N PRO A 119 17.61 -12.85 8.42
CA PRO A 119 17.09 -14.21 8.17
C PRO A 119 18.12 -15.31 8.38
N MET A 120 19.38 -15.05 8.05
CA MET A 120 20.41 -16.06 8.25
C MET A 120 20.60 -16.38 9.73
N VAL A 121 20.64 -15.34 10.56
CA VAL A 121 20.77 -15.55 12.01
C VAL A 121 19.56 -16.30 12.53
N SER A 122 18.36 -15.90 12.10
CA SER A 122 17.14 -16.55 12.58
C SER A 122 17.14 -18.04 12.22
N ILE A 123 17.43 -18.36 10.97
CA ILE A 123 17.38 -19.76 10.53
C ILE A 123 18.49 -20.58 11.18
N THR A 124 19.67 -19.97 11.39
CA THR A 124 20.76 -20.68 12.05
C THR A 124 20.41 -21.00 13.49
N LEU A 125 19.81 -20.05 14.21
CA LEU A 125 19.38 -20.32 15.58
C LEU A 125 18.28 -21.37 15.61
N LEU A 126 17.35 -21.33 14.65
CA LEU A 126 16.31 -22.34 14.60
C LEU A 126 16.90 -23.73 14.38
N ALA A 127 17.89 -23.86 13.50
CA ALA A 127 18.54 -25.15 13.29
C ALA A 127 19.30 -25.61 14.53
N LEU A 128 19.99 -24.68 15.19
CA LEU A 128 20.72 -25.01 16.41
C LEU A 128 19.79 -25.41 17.55
N VAL A 129 18.53 -24.98 17.52
CA VAL A 129 17.58 -25.43 18.53
C VAL A 129 17.38 -26.94 18.46
N TYR A 130 17.23 -27.48 17.25
CA TYR A 130 16.86 -28.88 17.07
C TYR A 130 18.03 -29.80 16.75
N LEU A 131 19.22 -29.27 16.52
CA LEU A 131 20.38 -30.14 16.34
C LEU A 131 20.68 -31.03 17.56
N PRO A 132 20.66 -30.52 18.81
CA PRO A 132 21.04 -31.39 19.95
C PRO A 132 20.18 -32.63 20.09
N GLY A 133 18.87 -32.54 19.81
CA GLY A 133 18.04 -33.73 19.89
C GLY A 133 18.43 -34.78 18.87
N VAL A 134 18.76 -34.35 17.66
CA VAL A 134 19.23 -35.26 16.62
C VAL A 134 20.53 -35.94 17.06
N ILE A 135 21.44 -35.16 17.64
CA ILE A 135 22.69 -35.75 18.14
C ILE A 135 22.42 -36.75 19.25
N ALA A 136 21.52 -36.40 20.18
CA ALA A 136 21.26 -37.26 21.32
C ALA A 136 20.62 -38.58 20.91
N ALA A 137 19.66 -38.54 19.98
CA ALA A 137 19.04 -39.78 19.54
C ALA A 137 20.06 -40.71 18.88
N ILE A 138 20.94 -40.16 18.05
CA ILE A 138 21.95 -40.98 17.39
C ILE A 138 22.92 -41.57 18.40
N VAL A 139 23.37 -40.77 19.37
CA VAL A 139 24.35 -41.29 20.33
C VAL A 139 23.69 -42.32 21.24
N GLN A 140 22.38 -42.20 21.47
CA GLN A 140 21.67 -43.22 22.25
C GLN A 140 21.56 -44.52 21.48
N LEU A 141 21.16 -44.45 20.21
CA LEU A 141 20.94 -45.67 19.43
C LEU A 141 22.25 -46.33 18.99
N HIS A 142 23.05 -45.62 18.19
CA HIS A 142 24.30 -46.19 17.67
C HIS A 142 25.41 -45.93 18.68
N ASN A 143 25.66 -46.94 19.51
CA ASN A 143 26.69 -46.89 20.55
C ASN A 143 26.51 -45.69 21.47
N LYS A 149 24.74 -41.38 29.92
CA LYS A 149 25.06 -40.04 30.43
C LYS A 149 25.55 -39.14 29.30
N PHE A 150 25.51 -37.84 29.54
CA PHE A 150 25.94 -36.84 28.57
C PHE A 150 26.95 -35.90 29.19
N PRO A 151 27.86 -35.35 28.38
CA PRO A 151 28.86 -34.42 28.92
C PRO A 151 28.27 -33.05 29.19
N HIS A 152 29.14 -32.15 29.67
CA HIS A 152 28.69 -30.82 30.07
C HIS A 152 28.23 -30.00 28.87
N TRP A 153 28.96 -30.07 27.75
CA TRP A 153 28.58 -29.28 26.58
C TRP A 153 27.21 -29.69 26.05
N LEU A 154 26.93 -31.00 26.06
CA LEU A 154 25.61 -31.46 25.62
C LEU A 154 24.52 -30.93 26.54
N ASP A 155 24.78 -30.91 27.86
CA ASP A 155 23.80 -30.37 28.80
C ASP A 155 23.55 -28.90 28.55
N LYS A 156 24.61 -28.13 28.32
CA LYS A 156 24.45 -26.70 28.05
C LYS A 156 23.66 -26.48 26.76
N TRP A 157 23.93 -27.29 25.73
CA TRP A 157 23.17 -27.19 24.49
C TRP A 157 21.70 -27.52 24.72
N MET A 158 21.42 -28.54 25.53
CA MET A 158 20.04 -28.90 25.86
C MET A 158 19.36 -27.83 26.71
N LEU A 159 20.11 -27.01 27.44
CA LEU A 159 19.51 -25.99 28.29
C LEU A 159 19.35 -24.63 27.60
N THR A 160 20.13 -24.34 26.56
CA THR A 160 20.09 -23.04 25.91
C THR A 160 19.04 -22.96 24.79
N ARG A 161 18.24 -24.01 24.60
CA ARG A 161 17.34 -24.08 23.45
C ARG A 161 16.26 -23.01 23.52
N LYS A 162 15.72 -22.74 24.69
CA LYS A 162 14.66 -21.74 24.82
C LYS A 162 15.17 -20.36 24.43
N GLN A 163 16.36 -19.98 24.90
CA GLN A 163 16.94 -18.69 24.53
C GLN A 163 17.25 -18.63 23.05
N PHE A 164 17.76 -19.72 22.48
CA PHE A 164 18.01 -19.75 21.03
C PHE A 164 16.72 -19.51 20.25
N GLY A 165 15.64 -20.18 20.65
CA GLY A 165 14.38 -20.01 19.96
C GLY A 165 13.80 -18.62 20.10
N LEU A 166 13.90 -18.03 21.30
CA LEU A 166 13.38 -16.68 21.49
C LEU A 166 14.16 -15.68 20.65
N LEU A 167 15.48 -15.81 20.59
CA LEU A 167 16.28 -14.94 19.74
C LEU A 167 15.92 -15.13 18.27
N SER A 168 15.71 -16.38 17.84
CA SER A 168 15.31 -16.64 16.47
C SER A 168 14.00 -15.96 16.13
N PHE A 169 13.01 -16.03 17.04
CA PHE A 169 11.73 -15.39 16.79
C PHE A 169 11.88 -13.87 16.72
N PHE A 170 12.68 -13.28 17.62
CA PHE A 170 12.91 -11.85 17.60
C PHE A 170 13.50 -11.41 16.27
N PHE A 171 14.53 -12.11 15.80
CA PHE A 171 15.18 -11.74 14.54
C PHE A 171 14.26 -11.99 13.35
N ALA A 172 13.41 -13.02 13.41
CA ALA A 172 12.46 -13.26 12.33
C ALA A 172 11.44 -12.13 12.23
N VAL A 173 10.94 -11.66 13.38
CA VAL A 173 10.01 -10.52 13.37
C VAL A 173 10.69 -9.28 12.81
N LEU A 174 11.94 -9.03 13.23
CA LEU A 174 12.66 -7.88 12.69
C LEU A 174 12.83 -7.99 11.18
N HIS A 175 13.19 -9.18 10.69
CA HIS A 175 13.37 -9.38 9.25
C HIS A 175 12.06 -9.16 8.49
N ALA A 176 10.95 -9.65 9.02
CA ALA A 176 9.66 -9.45 8.36
C ALA A 176 9.31 -7.97 8.31
N ILE A 177 9.53 -7.25 9.41
CA ILE A 177 9.21 -5.82 9.44
C ILE A 177 10.08 -5.06 8.44
N TYR A 178 11.37 -5.41 8.35
CA TYR A 178 12.24 -4.78 7.36
C TYR A 178 11.77 -5.08 5.94
N SER A 179 11.38 -6.32 5.68
CA SER A 179 11.00 -6.72 4.32
C SER A 179 9.69 -6.07 3.89
N LEU A 180 8.79 -5.80 4.83
CA LEU A 180 7.47 -5.27 4.47
C LEU A 180 7.50 -3.83 3.96
N SER A 181 8.64 -3.13 4.05
CA SER A 181 8.69 -1.70 3.77
C SER A 181 9.57 -1.36 2.58
N TYR A 182 9.72 -2.28 1.62
CA TYR A 182 10.49 -1.95 0.42
C TYR A 182 9.85 -0.86 -0.43
N PRO A 183 8.56 -0.91 -0.78
CA PRO A 183 8.02 0.09 -1.72
C PRO A 183 7.94 1.51 -1.16
N MET A 184 8.18 1.70 0.13
CA MET A 184 8.06 3.03 0.71
C MET A 184 9.16 3.97 0.21
N ARG A 185 10.36 3.43 0.01
CA ARG A 185 11.53 4.26 -0.26
C ARG A 185 11.45 4.92 -1.65
N ARG A 186 12.16 6.04 -1.77
CA ARG A 186 12.15 6.82 -3.01
C ARG A 186 12.90 6.13 -4.14
N SER A 187 13.86 5.25 -3.81
CA SER A 187 14.62 4.56 -4.85
C SER A 187 13.71 3.70 -5.72
N TYR A 188 12.73 3.04 -5.10
CA TYR A 188 11.77 2.25 -5.86
C TYR A 188 10.98 3.13 -6.83
N ARG A 189 10.55 4.31 -6.37
CA ARG A 189 9.81 5.21 -7.24
C ARG A 189 10.65 5.67 -8.42
N TYR A 190 11.90 6.06 -8.15
CA TYR A 190 12.79 6.50 -9.23
C TYR A 190 13.04 5.38 -10.23
N LYS A 191 13.27 4.16 -9.73
CA LYS A 191 13.50 3.03 -10.63
C LYS A 191 12.26 2.73 -11.46
N LEU A 192 11.08 2.83 -10.86
CA LEU A 192 9.85 2.60 -11.60
C LEU A 192 9.66 3.64 -12.70
N LEU A 193 9.93 4.91 -12.39
CA LEU A 193 9.82 5.95 -13.41
C LEU A 193 10.81 5.72 -14.55
N ASN A 194 12.05 5.36 -14.21
CA ASN A 194 13.05 5.09 -15.25
C ASN A 194 12.65 3.90 -16.10
N TRP A 195 12.12 2.84 -15.48
CA TRP A 195 11.68 1.68 -16.24
C TRP A 195 10.54 2.03 -17.17
N ALA A 196 9.59 2.83 -16.70
CA ALA A 196 8.47 3.25 -17.55
C ALA A 196 8.98 4.06 -18.74
N TYR A 197 9.90 5.00 -18.49
CA TYR A 197 10.44 5.80 -19.59
C TYR A 197 11.18 4.93 -20.61
N GLN A 198 11.98 3.98 -20.13
CA GLN A 198 12.72 3.11 -21.05
C GLN A 198 11.77 2.23 -21.85
N GLN A 199 10.72 1.72 -21.21
CA GLN A 199 9.74 0.91 -21.94
C GLN A 199 9.02 1.74 -23.00
N VAL A 200 8.68 3.00 -22.67
CA VAL A 200 8.01 3.86 -23.63
C VAL A 200 8.93 4.15 -24.82
N GLN A 201 10.20 4.43 -24.56
CA GLN A 201 11.12 4.80 -25.62
C GLN A 201 11.48 3.64 -26.56
N GLN A 202 11.15 2.40 -26.20
CA GLN A 202 11.52 1.24 -27.01
C GLN A 202 10.32 0.60 -27.70
N ASN A 203 9.13 1.20 -27.60
CA ASN A 203 7.92 0.71 -28.27
C ASN A 203 7.61 -0.74 -27.89
N LYS A 204 7.70 -1.03 -26.59
CA LYS A 204 7.38 -2.35 -26.07
C LYS A 204 6.02 -2.29 -25.36
N GLU A 205 5.14 -3.22 -25.71
CA GLU A 205 3.77 -3.19 -25.22
C GLU A 205 3.59 -3.96 -23.91
N ASP A 206 4.07 -5.20 -23.85
CA ASP A 206 3.80 -6.09 -22.72
C ASP A 206 5.10 -6.37 -21.97
N ALA A 207 5.09 -6.14 -20.67
CA ALA A 207 6.20 -6.47 -19.78
C ALA A 207 5.92 -7.67 -18.89
N TRP A 208 4.82 -8.38 -19.14
CA TRP A 208 4.41 -9.47 -18.25
C TRP A 208 5.38 -10.65 -18.31
N ILE A 209 5.68 -11.19 -17.13
CA ILE A 209 6.46 -12.42 -16.99
C ILE A 209 5.76 -13.30 -15.97
N GLU A 210 5.60 -14.58 -16.30
CA GLU A 210 4.73 -15.48 -15.52
C GLU A 210 5.48 -16.17 -14.38
N HIS A 211 6.61 -16.81 -14.68
CA HIS A 211 7.29 -17.62 -13.67
C HIS A 211 7.79 -16.78 -12.51
N ASP A 212 8.25 -15.55 -12.77
CA ASP A 212 8.70 -14.69 -11.69
C ASP A 212 7.54 -14.33 -10.76
N VAL A 213 6.36 -14.06 -11.33
CA VAL A 213 5.18 -13.78 -10.51
C VAL A 213 4.81 -14.99 -9.67
N TRP A 214 4.84 -16.17 -10.29
CA TRP A 214 4.55 -17.41 -9.55
C TRP A 214 5.50 -17.56 -8.37
N ARG A 215 6.79 -17.37 -8.61
CA ARG A 215 7.79 -17.48 -7.54
C ARG A 215 7.49 -16.49 -6.42
N MET A 216 7.24 -15.23 -6.78
CA MET A 216 6.98 -14.20 -5.78
C MET A 216 5.81 -14.60 -4.89
N GLU A 217 4.67 -14.95 -5.51
CA GLU A 217 3.49 -15.32 -4.74
C GLU A 217 3.79 -16.50 -3.82
N ILE A 218 4.45 -17.53 -4.35
CA ILE A 218 4.67 -18.75 -3.58
C ILE A 218 5.53 -18.47 -2.35
N TYR A 219 6.68 -17.82 -2.53
CA TYR A 219 7.54 -17.71 -1.35
C TYR A 219 7.01 -16.67 -0.38
N VAL A 220 6.29 -15.65 -0.86
CA VAL A 220 5.68 -14.70 0.07
C VAL A 220 4.66 -15.41 0.96
N SER A 221 3.80 -16.24 0.35
CA SER A 221 2.81 -16.96 1.14
C SER A 221 3.47 -17.92 2.13
N LEU A 222 4.49 -18.65 1.67
CA LEU A 222 5.16 -19.60 2.56
C LEU A 222 5.83 -18.89 3.74
N GLY A 223 6.48 -17.74 3.48
CA GLY A 223 7.10 -17.00 4.55
C GLY A 223 6.08 -16.48 5.55
N ILE A 224 4.94 -15.99 5.07
CA ILE A 224 3.91 -15.50 5.99
C ILE A 224 3.40 -16.63 6.88
N VAL A 225 3.14 -17.80 6.30
CA VAL A 225 2.65 -18.93 7.10
C VAL A 225 3.70 -19.35 8.13
N GLY A 226 4.97 -19.41 7.72
CA GLY A 226 6.02 -19.77 8.66
C GLY A 226 6.13 -18.79 9.81
N LEU A 227 6.02 -17.49 9.51
CA LEU A 227 6.07 -16.48 10.57
C LEU A 227 4.89 -16.63 11.51
N ALA A 228 3.70 -16.95 10.98
CA ALA A 228 2.55 -17.16 11.85
C ALA A 228 2.77 -18.34 12.79
N ILE A 229 3.33 -19.44 12.27
CA ILE A 229 3.58 -20.60 13.12
C ILE A 229 4.61 -20.27 14.20
N LEU A 230 5.67 -19.55 13.83
CA LEU A 230 6.66 -19.12 14.83
C LEU A 230 6.02 -18.23 15.89
N ALA A 231 5.14 -17.32 15.47
CA ALA A 231 4.48 -16.44 16.42
C ALA A 231 3.63 -17.22 17.41
N LEU A 232 2.88 -18.22 16.93
CA LEU A 232 2.09 -19.04 17.83
C LEU A 232 2.97 -19.79 18.82
N LEU A 233 4.06 -20.38 18.33
CA LEU A 233 4.91 -21.18 19.21
C LEU A 233 5.67 -20.29 20.19
N ALA A 234 5.86 -19.01 19.86
CA ALA A 234 6.45 -18.08 20.81
C ALA A 234 5.44 -17.57 21.83
N VAL A 235 4.18 -17.39 21.41
CA VAL A 235 3.13 -16.99 22.35
C VAL A 235 2.93 -18.08 23.40
N THR A 236 3.01 -19.34 23.00
CA THR A 236 2.75 -20.41 23.97
C THR A 236 3.86 -20.57 25.01
N SER A 237 4.82 -19.65 25.09
CA SER A 237 5.96 -19.78 26.00
C SER A 237 5.87 -18.88 27.22
N ILE A 238 4.75 -18.21 27.45
CA ILE A 238 4.61 -17.35 28.62
C ILE A 238 4.50 -18.23 29.87
N PRO A 239 5.24 -17.93 30.95
CA PRO A 239 5.22 -18.81 32.13
C PRO A 239 3.82 -19.04 32.70
N SER A 240 3.00 -17.99 32.78
CA SER A 240 1.62 -18.17 33.24
C SER A 240 0.83 -19.03 32.26
N VAL A 241 1.02 -18.82 30.96
CA VAL A 241 0.38 -19.65 29.96
C VAL A 241 0.98 -21.05 29.97
N SER A 242 2.29 -21.15 30.13
CA SER A 242 2.96 -22.46 30.10
C SER A 242 2.50 -23.33 31.26
N ASP A 243 2.35 -22.76 32.45
CA ASP A 243 1.93 -23.54 33.60
C ASP A 243 0.41 -23.70 33.62
N SER A 244 -0.16 -24.10 32.49
CA SER A 244 -1.58 -24.40 32.40
C SER A 244 -1.88 -25.58 31.49
N LEU A 245 -0.85 -26.27 30.98
CA LEU A 245 -1.02 -27.34 30.01
C LEU A 245 -0.33 -28.59 30.52
N THR A 246 -0.88 -29.74 30.14
CA THR A 246 -0.26 -31.00 30.52
C THR A 246 1.02 -31.22 29.71
N TRP A 247 1.78 -32.26 30.11
CA TRP A 247 3.07 -32.52 29.47
C TRP A 247 2.92 -32.87 28.00
N ARG A 248 1.90 -33.67 27.66
CA ARG A 248 1.75 -34.12 26.28
C ARG A 248 1.48 -32.96 25.34
N GLU A 249 0.58 -32.06 25.72
CA GLU A 249 0.26 -30.92 24.85
C GLU A 249 1.46 -29.98 24.70
N PHE A 250 2.19 -29.73 25.79
CA PHE A 250 3.37 -28.88 25.71
C PHE A 250 4.42 -29.49 24.80
N HIS A 251 4.67 -30.79 24.93
CA HIS A 251 5.64 -31.45 24.07
C HIS A 251 5.21 -31.40 22.61
N TYR A 252 3.92 -31.67 22.34
CA TYR A 252 3.41 -31.60 20.98
C TYR A 252 3.63 -30.22 20.38
N ILE A 253 3.23 -29.18 21.11
CA ILE A 253 3.34 -27.81 20.59
C ILE A 253 4.81 -27.44 20.36
N GLN A 254 5.68 -27.81 21.30
CA GLN A 254 7.08 -27.41 21.19
C GLN A 254 7.81 -28.16 20.09
N SER A 255 7.40 -29.39 19.79
CA SER A 255 8.12 -30.21 18.82
C SER A 255 7.54 -30.11 17.41
N LYS A 256 6.27 -30.48 17.25
CA LYS A 256 5.71 -30.62 15.91
C LYS A 256 5.61 -29.28 15.20
N LEU A 257 5.11 -28.26 15.89
CA LEU A 257 4.98 -26.94 15.28
C LEU A 257 6.35 -26.35 14.94
N GLY A 258 7.34 -26.60 15.79
CA GLY A 258 8.68 -26.11 15.50
C GLY A 258 9.29 -26.77 14.27
N ILE A 259 9.13 -28.09 14.15
CA ILE A 259 9.63 -28.78 12.97
C ILE A 259 8.92 -28.27 11.72
N VAL A 260 7.60 -28.09 11.80
CA VAL A 260 6.85 -27.59 10.65
C VAL A 260 7.31 -26.20 10.26
N SER A 261 7.55 -25.33 11.25
CA SER A 261 8.02 -23.98 10.96
C SER A 261 9.40 -23.99 10.33
N LEU A 262 10.30 -24.85 10.82
CA LEU A 262 11.63 -24.94 10.21
C LEU A 262 11.54 -25.42 8.77
N LEU A 263 10.70 -26.42 8.50
CA LEU A 263 10.52 -26.90 7.13
C LEU A 263 9.95 -25.80 6.24
N LEU A 264 8.97 -25.05 6.74
CA LEU A 264 8.36 -23.99 5.94
C LEU A 264 9.38 -22.89 5.63
N GLY A 265 10.20 -22.52 6.61
CA GLY A 265 11.23 -21.53 6.35
C GLY A 265 12.25 -22.00 5.34
N THR A 266 12.65 -23.28 5.43
CA THR A 266 13.59 -23.83 4.46
C THR A 266 13.00 -23.82 3.05
N ILE A 267 11.72 -24.20 2.91
CA ILE A 267 11.08 -24.20 1.60
C ILE A 267 10.94 -22.78 1.07
N HIS A 268 10.64 -21.82 1.94
CA HIS A 268 10.55 -20.43 1.52
C HIS A 268 11.89 -19.93 0.98
N ALA A 269 12.96 -20.21 1.71
CA ALA A 269 14.29 -19.81 1.25
C ALA A 269 14.66 -20.49 -0.07
N LEU A 270 14.33 -21.78 -0.20
CA LEU A 270 14.63 -22.49 -1.44
C LEU A 270 13.86 -21.92 -2.63
N ILE A 271 12.58 -21.61 -2.44
CA ILE A 271 11.76 -21.10 -3.53
C ILE A 271 12.18 -19.69 -3.90
N PHE A 272 12.68 -18.91 -2.94
CA PHE A 272 13.13 -17.55 -3.25
C PHE A 272 14.14 -17.54 -4.38
N ALA A 273 15.08 -18.48 -4.38
CA ALA A 273 16.06 -18.62 -5.46
C ALA A 273 15.44 -19.49 -6.55
N TRP A 274 14.99 -18.85 -7.63
CA TRP A 274 14.25 -19.56 -8.67
C TRP A 274 15.19 -20.33 -9.59
N ASN A 275 16.06 -19.61 -10.31
CA ASN A 275 16.96 -20.23 -11.27
C ASN A 275 18.41 -19.78 -11.08
N LYS A 276 18.73 -19.20 -9.92
CA LYS A 276 20.09 -18.77 -9.64
C LYS A 276 21.01 -19.92 -9.25
N TRP A 277 20.45 -21.12 -9.05
CA TRP A 277 21.28 -22.27 -8.71
C TRP A 277 22.24 -22.63 -9.84
N ILE A 278 21.75 -22.57 -11.09
CA ILE A 278 22.58 -22.92 -12.25
C ILE A 278 23.36 -21.74 -12.80
N ASP A 279 23.15 -20.54 -12.28
CA ASP A 279 23.87 -19.37 -12.77
C ASP A 279 25.32 -19.41 -12.34
N ILE A 280 26.18 -18.80 -13.16
CA ILE A 280 27.62 -18.75 -12.89
C ILE A 280 27.98 -17.36 -12.39
N LYS A 281 27.17 -16.37 -12.77
CA LYS A 281 27.43 -14.99 -12.34
C LYS A 281 27.30 -14.83 -10.84
N GLN A 282 26.55 -15.71 -10.17
CA GLN A 282 26.34 -15.59 -8.74
C GLN A 282 27.62 -15.73 -7.93
N PHE A 283 28.63 -16.41 -8.49
CA PHE A 283 29.95 -16.49 -7.84
C PHE A 283 30.69 -15.20 -8.18
N VAL A 284 30.71 -14.26 -7.24
CA VAL A 284 31.19 -12.91 -7.56
C VAL A 284 32.68 -12.94 -7.91
N TRP A 285 33.50 -13.57 -7.07
CA TRP A 285 34.88 -13.84 -7.43
C TRP A 285 35.15 -15.34 -7.49
N TYR A 286 35.05 -16.03 -6.36
CA TYR A 286 35.02 -17.49 -6.28
C TYR A 286 34.02 -17.99 -5.26
N THR A 287 33.32 -17.09 -4.55
CA THR A 287 32.51 -17.32 -3.36
C THR A 287 31.06 -17.65 -3.73
N PRO A 288 30.50 -18.67 -3.09
CA PRO A 288 29.10 -19.02 -3.33
C PRO A 288 28.17 -17.95 -2.78
N PRO A 289 26.96 -17.83 -3.32
CA PRO A 289 26.00 -16.84 -2.81
C PRO A 289 25.54 -17.13 -1.39
N THR A 290 24.74 -16.24 -0.82
CA THR A 290 24.34 -16.36 0.57
C THR A 290 23.30 -17.45 0.78
N PHE A 291 22.36 -17.60 -0.16
CA PHE A 291 21.28 -18.57 0.03
C PHE A 291 21.77 -20.01 0.01
N MET A 292 22.98 -20.25 -0.51
CA MET A 292 23.55 -21.59 -0.44
C MET A 292 23.99 -21.92 0.97
N ILE A 293 24.59 -20.96 1.67
CA ILE A 293 25.04 -21.19 3.04
C ILE A 293 23.87 -21.09 4.01
N ALA A 294 22.82 -20.35 3.66
CA ALA A 294 21.72 -20.13 4.59
C ALA A 294 20.95 -21.41 4.91
N VAL A 295 20.88 -22.35 3.97
CA VAL A 295 20.03 -23.53 4.12
C VAL A 295 20.86 -24.81 4.17
N PHE A 296 22.13 -24.73 4.53
CA PHE A 296 22.95 -25.94 4.59
C PHE A 296 22.62 -26.79 5.82
N LEU A 297 22.43 -26.15 6.98
CA LEU A 297 22.19 -26.87 8.23
C LEU A 297 20.74 -27.34 8.36
N PRO A 298 19.73 -26.50 8.07
CA PRO A 298 18.35 -27.01 8.15
C PRO A 298 18.10 -28.21 7.27
N ILE A 299 18.70 -28.26 6.09
CA ILE A 299 18.53 -29.43 5.21
C ILE A 299 19.08 -30.68 5.87
N VAL A 300 20.27 -30.57 6.48
CA VAL A 300 20.87 -31.72 7.17
C VAL A 300 19.97 -32.16 8.32
N VAL A 301 19.46 -31.20 9.10
CA VAL A 301 18.63 -31.55 10.25
C VAL A 301 17.36 -32.27 9.79
N LEU A 302 16.71 -31.74 8.75
CA LEU A 302 15.48 -32.36 8.25
C LEU A 302 15.76 -33.74 7.65
N ILE A 303 16.88 -33.89 6.94
CA ILE A 303 17.22 -35.19 6.37
C ILE A 303 17.44 -36.22 7.47
N PHE A 304 18.17 -35.83 8.52
CA PHE A 304 18.41 -36.76 9.62
C PHE A 304 17.13 -37.10 10.36
N LYS A 305 16.24 -36.11 10.55
CA LYS A 305 14.95 -36.39 11.18
C LYS A 305 14.13 -37.35 10.34
N SER A 306 14.14 -37.19 9.02
CA SER A 306 13.42 -38.11 8.15
C SER A 306 14.01 -39.50 8.21
N ILE A 307 15.34 -39.61 8.23
CA ILE A 307 15.99 -40.92 8.29
C ILE A 307 15.63 -41.63 9.59
N LEU A 308 15.71 -40.93 10.72
CA LEU A 308 15.32 -41.55 11.99
C LEU A 308 13.82 -41.83 12.06
N PHE A 309 13.02 -41.10 11.28
CA PHE A 309 11.59 -41.36 11.25
C PHE A 309 11.30 -42.74 10.66
N LEU A 310 12.02 -43.12 9.61
CA LEU A 310 11.82 -44.42 8.98
C LEU A 310 12.74 -45.47 9.58
N LEU B 67 -13.80 0.96 36.13
CA LEU B 67 -13.27 2.03 36.97
C LEU B 67 -11.91 2.52 36.46
N PHE B 68 -10.89 1.70 36.65
CA PHE B 68 -9.50 2.04 36.34
C PHE B 68 -9.11 3.35 37.00
N PRO B 69 -9.03 3.38 38.33
CA PRO B 69 -8.71 4.65 39.02
C PRO B 69 -7.32 5.18 38.70
N GLN B 70 -6.39 4.34 38.25
CA GLN B 70 -5.05 4.78 37.93
C GLN B 70 -4.85 5.08 36.44
N TRP B 71 -5.92 4.98 35.64
CA TRP B 71 -5.82 5.18 34.20
C TRP B 71 -6.57 6.43 33.73
N HIS B 72 -6.77 7.40 34.62
CA HIS B 72 -7.53 8.60 34.26
C HIS B 72 -6.65 9.72 33.74
N LEU B 73 -5.63 10.12 34.51
CA LEU B 73 -4.78 11.22 34.11
C LEU B 73 -4.03 10.97 32.80
N PRO B 74 -3.40 9.81 32.58
CA PRO B 74 -2.76 9.59 31.27
C PRO B 74 -3.72 9.69 30.11
N ILE B 75 -4.94 9.17 30.26
CA ILE B 75 -5.91 9.25 29.16
C ILE B 75 -6.34 10.69 28.93
N LYS B 76 -6.53 11.45 30.00
CA LYS B 76 -6.89 12.86 29.84
C LYS B 76 -5.78 13.62 29.12
N ILE B 77 -4.53 13.40 29.51
CA ILE B 77 -3.41 14.09 28.87
C ILE B 77 -3.31 13.70 27.40
N ALA B 78 -3.45 12.41 27.11
CA ALA B 78 -3.38 11.95 25.72
C ALA B 78 -4.50 12.55 24.88
N ALA B 79 -5.71 12.61 25.44
CA ALA B 79 -6.83 13.20 24.70
C ALA B 79 -6.60 14.67 24.43
N ILE B 80 -6.11 15.42 25.42
CA ILE B 80 -5.86 16.85 25.21
C ILE B 80 -4.79 17.05 24.14
N ILE B 81 -3.70 16.29 24.22
CA ILE B 81 -2.63 16.42 23.23
C ILE B 81 -3.13 16.07 21.84
N ALA B 82 -3.90 14.98 21.72
CA ALA B 82 -4.40 14.56 20.42
C ALA B 82 -5.34 15.60 19.83
N SER B 83 -6.24 16.16 20.64
CA SER B 83 -7.17 17.17 20.13
C SER B 83 -6.42 18.42 19.67
N LEU B 84 -5.46 18.88 20.47
CA LEU B 84 -4.71 20.08 20.08
C LEU B 84 -3.91 19.85 18.81
N THR B 85 -3.25 18.69 18.71
CA THR B 85 -2.47 18.39 17.51
C THR B 85 -3.36 18.27 16.28
N PHE B 86 -4.53 17.63 16.43
CA PHE B 86 -5.46 17.48 15.32
C PHE B 86 -5.94 18.85 14.83
N LEU B 87 -6.32 19.73 15.76
CA LEU B 87 -6.77 21.06 15.36
C LEU B 87 -5.65 21.84 14.67
N TYR B 88 -4.43 21.78 15.23
CA TYR B 88 -3.30 22.49 14.64
C TYR B 88 -3.00 22.00 13.23
N THR B 89 -2.94 20.68 13.05
CA THR B 89 -2.62 20.13 11.74
C THR B 89 -3.74 20.41 10.73
N LEU B 90 -5.00 20.32 11.16
CA LEU B 90 -6.11 20.62 10.26
C LEU B 90 -6.09 22.08 9.83
N LEU B 91 -5.77 22.99 10.76
CA LEU B 91 -5.68 24.40 10.39
C LEU B 91 -4.52 24.64 9.43
N ARG B 92 -3.38 23.98 9.64
CA ARG B 92 -2.21 24.26 8.82
C ARG B 92 -2.33 23.66 7.42
N GLU B 93 -2.86 22.45 7.30
CA GLU B 93 -2.74 21.69 6.07
C GLU B 93 -3.97 21.72 5.17
N VAL B 94 -5.10 22.25 5.66
CA VAL B 94 -6.36 22.22 4.92
C VAL B 94 -6.94 23.61 4.73
N ILE B 95 -7.09 24.37 5.82
CA ILE B 95 -7.79 25.65 5.76
C ILE B 95 -7.00 26.67 4.95
N HIS B 96 -5.68 26.70 5.14
CA HIS B 96 -4.86 27.70 4.43
C HIS B 96 -4.89 27.53 2.92
N PRO B 97 -4.68 26.33 2.36
CA PRO B 97 -4.80 26.21 0.89
C PRO B 97 -6.19 26.52 0.37
N LEU B 98 -7.23 26.32 1.19
CA LEU B 98 -8.58 26.65 0.76
C LEU B 98 -8.81 28.14 0.73
N ALA B 99 -8.34 28.86 1.75
CA ALA B 99 -8.60 30.29 1.84
C ALA B 99 -7.93 31.06 0.71
N THR B 100 -6.66 30.75 0.43
CA THR B 100 -5.90 31.40 -0.64
C THR B 100 -5.52 30.36 -1.68
N SER B 101 -5.76 30.67 -2.95
CA SER B 101 -5.53 29.73 -4.05
C SER B 101 -6.36 28.47 -3.84
N HIS B 102 -7.68 28.66 -3.92
CA HIS B 102 -8.67 27.66 -3.53
C HIS B 102 -8.35 26.28 -4.08
N GLN B 103 -8.06 25.35 -3.17
CA GLN B 103 -7.89 23.94 -3.49
C GLN B 103 -8.61 23.10 -2.44
N GLN B 104 -9.27 22.03 -2.89
CA GLN B 104 -10.09 21.23 -1.99
C GLN B 104 -9.26 20.59 -0.89
N TYR B 105 -8.38 19.65 -1.25
CA TYR B 105 -7.47 18.99 -0.32
C TYR B 105 -8.18 18.45 0.91
N PHE B 106 -9.41 17.97 0.74
CA PHE B 106 -10.19 17.45 1.85
C PHE B 106 -10.01 15.95 2.07
N TYR B 107 -9.31 15.26 1.17
CA TYR B 107 -9.12 13.82 1.29
C TYR B 107 -7.97 13.44 2.21
N LYS B 108 -7.18 14.41 2.68
CA LYS B 108 -6.01 14.12 3.51
C LYS B 108 -6.36 13.86 4.97
N ILE B 109 -7.60 14.14 5.38
CA ILE B 109 -7.96 13.99 6.79
C ILE B 109 -7.88 12.55 7.28
N PRO B 110 -8.45 11.55 6.59
CA PRO B 110 -8.52 10.21 7.19
C PRO B 110 -7.17 9.58 7.51
N ILE B 111 -6.13 9.83 6.69
CA ILE B 111 -4.85 9.16 6.84
C ILE B 111 -3.70 10.15 7.01
N LEU B 112 -3.57 11.09 6.07
CA LEU B 112 -2.43 12.00 6.09
C LEU B 112 -2.46 12.98 7.25
N VAL B 113 -3.63 13.23 7.83
CA VAL B 113 -3.73 14.11 8.99
C VAL B 113 -3.66 13.32 10.30
N ILE B 114 -4.29 12.14 10.33
CA ILE B 114 -4.25 11.31 11.53
C ILE B 114 -2.81 10.85 11.80
N ASN B 115 -2.05 10.58 10.75
CA ASN B 115 -0.68 10.10 10.92
C ASN B 115 0.28 11.19 11.38
N LYS B 116 -0.16 12.44 11.46
CA LYS B 116 0.65 13.51 12.03
C LYS B 116 0.33 13.79 13.49
N VAL B 117 -0.59 13.02 14.08
CA VAL B 117 -0.97 13.18 15.47
C VAL B 117 -0.40 12.05 16.34
N LEU B 118 -0.49 10.81 15.85
CA LEU B 118 -0.03 9.67 16.63
C LEU B 118 1.45 9.73 16.99
N PRO B 119 2.38 10.03 16.06
CA PRO B 119 3.80 10.13 16.46
C PRO B 119 4.06 11.17 17.53
N MET B 120 3.31 12.27 17.55
CA MET B 120 3.54 13.31 18.54
C MET B 120 3.05 12.87 19.92
N VAL B 121 1.92 12.17 19.98
CA VAL B 121 1.42 11.67 21.26
C VAL B 121 2.33 10.58 21.81
N SER B 122 2.85 9.72 20.93
CA SER B 122 3.72 8.64 21.37
C SER B 122 5.04 9.19 21.93
N ILE B 123 5.61 10.20 21.29
CA ILE B 123 6.89 10.72 21.73
C ILE B 123 6.76 11.67 22.92
N THR B 124 5.60 12.31 23.08
CA THR B 124 5.42 13.22 24.21
C THR B 124 5.20 12.45 25.52
N LEU B 125 4.50 11.32 25.45
CA LEU B 125 4.28 10.53 26.66
C LEU B 125 5.54 9.79 27.08
N LEU B 126 6.38 9.40 26.12
CA LEU B 126 7.64 8.74 26.46
C LEU B 126 8.60 9.70 27.15
N ALA B 127 8.61 10.97 26.74
CA ALA B 127 9.48 11.95 27.38
C ALA B 127 9.01 12.27 28.79
N LEU B 128 7.72 12.13 29.07
CA LEU B 128 7.18 12.41 30.40
C LEU B 128 7.46 11.30 31.40
N VAL B 129 7.89 10.13 30.94
CA VAL B 129 8.23 9.05 31.86
C VAL B 129 9.50 9.37 32.62
N TYR B 130 10.51 9.90 31.93
CA TYR B 130 11.83 10.15 32.52
C TYR B 130 12.01 11.58 33.01
N LEU B 131 11.04 12.47 32.76
CA LEU B 131 11.13 13.83 33.29
C LEU B 131 11.12 13.89 34.81
N PRO B 132 10.23 13.17 35.53
CA PRO B 132 10.29 13.24 37.00
C PRO B 132 11.61 12.78 37.59
N GLY B 133 12.27 11.80 36.96
CA GLY B 133 13.55 11.35 37.46
C GLY B 133 14.62 12.42 37.39
N VAL B 134 14.61 13.23 36.32
CA VAL B 134 15.56 14.32 36.18
C VAL B 134 15.33 15.36 37.27
N ILE B 135 14.08 15.72 37.52
CA ILE B 135 13.77 16.77 38.49
C ILE B 135 14.19 16.33 39.90
N ALA B 136 13.96 15.06 40.23
CA ALA B 136 14.32 14.57 41.56
C ALA B 136 15.82 14.69 41.81
N ALA B 137 16.64 14.37 40.81
CA ALA B 137 18.08 14.49 40.96
C ALA B 137 18.51 15.94 41.10
N ILE B 138 17.82 16.85 40.40
CA ILE B 138 18.20 18.27 40.44
C ILE B 138 17.94 18.84 41.83
N VAL B 139 16.76 18.59 42.39
CA VAL B 139 16.42 19.15 43.70
C VAL B 139 17.23 18.48 44.80
N GLN B 140 17.57 17.19 44.64
CA GLN B 140 18.36 16.50 45.65
C GLN B 140 19.76 17.08 45.75
N LEU B 141 20.38 17.41 44.63
CA LEU B 141 21.72 17.97 44.61
C LEU B 141 21.72 19.42 45.08
N PHE B 150 9.66 14.10 49.26
CA PHE B 150 9.06 14.47 47.98
C PHE B 150 7.71 15.14 48.17
N PRO B 151 7.48 16.24 47.44
CA PRO B 151 6.17 16.88 47.46
C PRO B 151 5.09 15.98 46.84
N HIS B 152 3.84 16.41 47.01
CA HIS B 152 2.72 15.61 46.53
C HIS B 152 2.72 15.49 45.01
N TRP B 153 2.98 16.59 44.31
CA TRP B 153 2.91 16.58 42.85
C TRP B 153 3.97 15.65 42.27
N LEU B 154 5.17 15.68 42.83
CA LEU B 154 6.24 14.81 42.33
C LEU B 154 5.86 13.34 42.50
N ASP B 155 5.27 12.98 43.64
CA ASP B 155 4.92 11.58 43.88
C ASP B 155 3.78 11.13 42.97
N LYS B 156 2.74 11.97 42.83
CA LYS B 156 1.64 11.60 41.94
C LYS B 156 2.11 11.53 40.49
N TRP B 157 3.16 12.28 40.15
CA TRP B 157 3.75 12.14 38.81
C TRP B 157 4.53 10.83 38.69
N MET B 158 5.27 10.46 39.74
CA MET B 158 6.11 9.27 39.69
C MET B 158 5.30 7.98 39.68
N LEU B 159 4.07 7.99 40.18
CA LEU B 159 3.26 6.79 40.18
C LEU B 159 2.43 6.58 38.91
N THR B 160 2.69 7.30 37.82
CA THR B 160 1.95 7.12 36.58
C THR B 160 2.86 6.75 35.40
N ARG B 161 4.13 6.45 35.67
CA ARG B 161 5.09 6.25 34.59
C ARG B 161 4.79 4.99 33.79
N LYS B 162 4.34 3.91 34.47
CA LYS B 162 4.03 2.68 33.76
C LYS B 162 2.88 2.88 32.78
N GLN B 163 1.82 3.59 33.21
CA GLN B 163 0.70 3.88 32.32
C GLN B 163 1.14 4.76 31.17
N PHE B 164 1.97 5.77 31.45
CA PHE B 164 2.47 6.63 30.38
C PHE B 164 3.24 5.82 29.34
N GLY B 165 4.10 4.91 29.80
CA GLY B 165 4.87 4.10 28.87
C GLY B 165 4.03 3.14 28.06
N LEU B 166 3.02 2.52 28.69
CA LEU B 166 2.14 1.63 27.97
C LEU B 166 1.36 2.37 26.88
N LEU B 167 0.85 3.56 27.22
CA LEU B 167 0.14 4.36 26.22
C LEU B 167 1.08 4.77 25.08
N SER B 168 2.32 5.14 25.42
CA SER B 168 3.28 5.51 24.39
C SER B 168 3.57 4.35 23.46
N PHE B 169 3.72 3.14 24.00
CA PHE B 169 3.95 1.96 23.17
C PHE B 169 2.76 1.69 22.26
N PHE B 170 1.54 1.79 22.80
CA PHE B 170 0.34 1.57 22.00
C PHE B 170 0.30 2.54 20.82
N PHE B 171 0.52 3.83 21.09
CA PHE B 171 0.49 4.82 20.02
C PHE B 171 1.63 4.65 19.03
N ALA B 172 2.81 4.21 19.50
CA ALA B 172 3.92 3.96 18.57
C ALA B 172 3.59 2.83 17.62
N VAL B 173 3.00 1.75 18.13
CA VAL B 173 2.62 0.63 17.26
C VAL B 173 1.57 1.10 16.25
N LEU B 174 0.59 1.88 16.71
CA LEU B 174 -0.42 2.40 15.78
C LEU B 174 0.21 3.26 14.69
N HIS B 175 1.11 4.16 15.07
CA HIS B 175 1.77 5.03 14.11
C HIS B 175 2.56 4.21 13.09
N ALA B 176 3.27 3.18 13.55
CA ALA B 176 4.01 2.33 12.62
C ALA B 176 3.07 1.64 11.64
N ILE B 177 1.93 1.15 12.13
CA ILE B 177 1.03 0.40 11.26
C ILE B 177 0.38 1.32 10.21
N TYR B 178 -0.03 2.53 10.61
CA TYR B 178 -0.50 3.49 9.60
C TYR B 178 0.60 3.88 8.63
N SER B 179 1.84 4.05 9.11
CA SER B 179 2.91 4.49 8.22
C SER B 179 3.28 3.41 7.21
N LEU B 180 3.11 2.13 7.58
CA LEU B 180 3.49 1.05 6.67
C LEU B 180 2.57 0.89 5.47
N SER B 181 1.45 1.58 5.43
CA SER B 181 0.43 1.38 4.39
C SER B 181 0.24 2.60 3.50
N TYR B 182 1.33 3.30 3.17
CA TYR B 182 1.25 4.43 2.26
C TYR B 182 1.22 4.03 0.78
N PRO B 183 2.11 3.16 0.30
CA PRO B 183 2.14 2.86 -1.14
C PRO B 183 0.96 2.04 -1.65
N MET B 184 -0.03 1.76 -0.80
CA MET B 184 -1.13 0.89 -1.23
C MET B 184 -2.30 1.69 -1.81
N ARG B 185 -2.48 2.94 -1.39
CA ARG B 185 -3.64 3.71 -1.79
C ARG B 185 -3.55 4.14 -3.25
N ARG B 186 -4.71 4.51 -3.81
CA ARG B 186 -4.83 4.88 -5.21
C ARG B 186 -4.28 6.28 -5.52
N SER B 187 -4.29 7.18 -4.55
CA SER B 187 -3.72 8.51 -4.76
C SER B 187 -2.23 8.46 -5.06
N TYR B 188 -1.52 7.43 -4.59
CA TYR B 188 -0.14 7.20 -4.95
C TYR B 188 -0.01 6.71 -6.39
N ARG B 189 -0.89 5.79 -6.80
CA ARG B 189 -0.85 5.26 -8.16
C ARG B 189 -1.12 6.36 -9.19
N TYR B 190 -2.13 7.20 -8.93
CA TYR B 190 -2.45 8.26 -9.88
C TYR B 190 -1.30 9.26 -10.00
N LYS B 191 -0.68 9.61 -8.86
CA LYS B 191 0.48 10.50 -8.90
C LYS B 191 1.64 9.87 -9.65
N LEU B 192 1.86 8.57 -9.46
CA LEU B 192 2.93 7.89 -10.19
C LEU B 192 2.68 7.93 -11.70
N LEU B 193 1.44 7.65 -12.12
CA LEU B 193 1.12 7.70 -13.55
C LEU B 193 1.29 9.09 -14.11
N ASN B 194 0.84 10.12 -13.38
CA ASN B 194 1.01 11.48 -13.84
C ASN B 194 2.49 11.86 -13.95
N TRP B 195 3.29 11.44 -12.97
CA TRP B 195 4.72 11.74 -13.02
C TRP B 195 5.38 11.05 -14.20
N ALA B 196 5.00 9.80 -14.48
CA ALA B 196 5.57 9.10 -15.63
C ALA B 196 5.21 9.80 -16.94
N TYR B 197 3.94 10.20 -17.08
CA TYR B 197 3.53 10.92 -18.29
C TYR B 197 4.28 12.24 -18.44
N GLN B 198 4.43 12.97 -17.33
CA GLN B 198 5.15 14.24 -17.38
C GLN B 198 6.61 14.05 -17.75
N GLN B 199 7.25 13.01 -17.20
CA GLN B 199 8.64 12.74 -17.53
C GLN B 199 8.79 12.36 -18.99
N VAL B 200 7.85 11.58 -19.52
CA VAL B 200 7.88 11.27 -20.95
C VAL B 200 7.73 12.52 -21.78
N GLN B 201 6.83 13.42 -21.37
CA GLN B 201 6.59 14.64 -22.14
C GLN B 201 7.79 15.57 -22.12
N GLN B 202 8.50 15.67 -21.00
CA GLN B 202 9.65 16.56 -20.89
C GLN B 202 10.93 15.97 -21.43
N ASN B 203 10.91 14.74 -21.93
CA ASN B 203 12.09 14.09 -22.51
C ASN B 203 13.23 14.01 -21.50
N LYS B 204 12.90 13.73 -20.24
CA LYS B 204 13.88 13.58 -19.18
C LYS B 204 14.22 12.11 -19.00
N GLU B 205 15.50 11.78 -19.08
CA GLU B 205 15.92 10.39 -19.07
C GLU B 205 16.24 9.88 -17.67
N ASP B 206 16.90 10.68 -16.84
CA ASP B 206 17.32 10.26 -15.51
C ASP B 206 16.60 11.07 -14.46
N ALA B 207 16.03 10.38 -13.46
CA ALA B 207 15.32 11.01 -12.37
C ALA B 207 15.88 10.62 -11.00
N TRP B 208 17.19 10.47 -10.89
CA TRP B 208 17.81 9.99 -9.66
C TRP B 208 18.25 11.15 -8.77
N ILE B 209 17.93 11.05 -7.48
CA ILE B 209 18.34 12.00 -6.47
C ILE B 209 18.92 11.22 -5.30
N GLU B 210 20.07 11.66 -4.79
CA GLU B 210 20.85 10.87 -3.84
C GLU B 210 20.48 11.14 -2.38
N HIS B 211 20.49 12.42 -1.97
CA HIS B 211 20.32 12.74 -0.56
C HIS B 211 18.93 12.35 -0.07
N ASP B 212 17.92 12.42 -0.93
CA ASP B 212 16.58 11.99 -0.54
C ASP B 212 16.58 10.49 -0.22
N VAL B 213 17.24 9.69 -1.06
CA VAL B 213 17.33 8.25 -0.82
C VAL B 213 18.06 7.98 0.49
N TRP B 214 19.19 8.67 0.70
CA TRP B 214 19.96 8.49 1.94
C TRP B 214 19.10 8.79 3.16
N ARG B 215 18.41 9.93 3.14
CA ARG B 215 17.51 10.31 4.23
C ARG B 215 16.48 9.22 4.48
N MET B 216 15.81 8.78 3.42
CA MET B 216 14.74 7.79 3.57
C MET B 216 15.25 6.53 4.24
N GLU B 217 16.33 5.96 3.70
CA GLU B 217 16.89 4.74 4.28
C GLU B 217 17.24 4.94 5.75
N ILE B 218 17.93 6.05 6.06
CA ILE B 218 18.43 6.25 7.42
C ILE B 218 17.28 6.34 8.41
N TYR B 219 16.29 7.20 8.14
CA TYR B 219 15.30 7.37 9.20
C TYR B 219 14.34 6.19 9.26
N VAL B 220 14.09 5.50 8.14
CA VAL B 220 13.27 4.29 8.21
C VAL B 220 13.94 3.25 9.10
N SER B 221 15.24 3.01 8.88
CA SER B 221 15.96 2.04 9.69
C SER B 221 15.95 2.43 11.16
N LEU B 222 16.22 3.70 11.46
CA LEU B 222 16.25 4.15 12.85
C LEU B 222 14.89 3.99 13.52
N GLY B 223 13.82 4.33 12.81
CA GLY B 223 12.49 4.16 13.37
C GLY B 223 12.16 2.70 13.66
N ILE B 224 12.53 1.80 12.74
CA ILE B 224 12.26 0.39 12.98
C ILE B 224 13.01 -0.11 14.21
N VAL B 225 14.28 0.29 14.35
CA VAL B 225 15.07 -0.16 15.51
C VAL B 225 14.45 0.38 16.80
N GLY B 226 14.04 1.65 16.81
CA GLY B 226 13.42 2.21 17.99
C GLY B 226 12.12 1.51 18.35
N LEU B 227 11.31 1.17 17.35
CA LEU B 227 10.08 0.44 17.61
C LEU B 227 10.36 -0.94 18.19
N ALA B 228 11.40 -1.61 17.69
CA ALA B 228 11.75 -2.92 18.24
C ALA B 228 12.16 -2.81 19.70
N ILE B 229 12.96 -1.79 20.04
CA ILE B 229 13.38 -1.63 21.43
C ILE B 229 12.17 -1.33 22.33
N LEU B 230 11.26 -0.47 21.86
CA LEU B 230 10.03 -0.22 22.62
C LEU B 230 9.22 -1.50 22.81
N ALA B 231 9.15 -2.33 21.76
CA ALA B 231 8.38 -3.57 21.87
C ALA B 231 8.98 -4.49 22.93
N LEU B 232 10.31 -4.62 22.95
CA LEU B 232 10.94 -5.46 23.98
C LEU B 232 10.69 -4.90 25.38
N LEU B 233 10.82 -3.57 25.52
CA LEU B 233 10.59 -2.95 26.83
C LEU B 233 9.15 -3.16 27.30
N ALA B 234 8.18 -3.09 26.40
CA ALA B 234 6.79 -3.32 26.79
C ALA B 234 6.51 -4.79 27.07
N VAL B 235 7.19 -5.70 26.34
CA VAL B 235 7.05 -7.13 26.62
C VAL B 235 7.54 -7.42 28.04
N THR B 236 8.62 -6.77 28.46
CA THR B 236 9.18 -7.00 29.79
C THR B 236 8.20 -6.66 30.92
N SER B 237 7.07 -6.03 30.62
CA SER B 237 6.18 -5.48 31.64
C SER B 237 5.06 -6.43 32.06
N ILE B 238 5.02 -7.65 31.55
CA ILE B 238 3.96 -8.59 31.93
C ILE B 238 4.14 -8.98 33.40
N PRO B 239 3.08 -8.96 34.22
CA PRO B 239 3.25 -9.25 35.66
C PRO B 239 3.84 -10.62 35.95
N SER B 240 3.49 -11.65 35.17
CA SER B 240 4.06 -12.97 35.41
C SER B 240 5.50 -13.08 34.93
N VAL B 241 5.93 -12.17 34.05
CA VAL B 241 7.32 -12.17 33.60
C VAL B 241 8.21 -11.34 34.52
N SER B 242 7.69 -10.26 35.09
CA SER B 242 8.46 -9.39 35.96
C SER B 242 8.77 -10.01 37.32
N ASP B 243 8.13 -11.13 37.67
CA ASP B 243 8.39 -11.79 38.94
C ASP B 243 9.57 -12.75 38.88
N SER B 244 10.10 -13.03 37.69
CA SER B 244 11.25 -13.90 37.54
C SER B 244 12.55 -13.12 37.34
N LEU B 245 12.50 -11.80 37.45
CA LEU B 245 13.67 -10.94 37.26
C LEU B 245 14.00 -10.25 38.57
N THR B 246 15.27 -10.24 38.93
CA THR B 246 15.71 -9.56 40.15
C THR B 246 15.66 -8.04 39.94
N TRP B 247 16.02 -7.31 41.00
CA TRP B 247 15.92 -5.85 40.96
C TRP B 247 16.89 -5.26 39.94
N ARG B 248 18.12 -5.77 39.88
CA ARG B 248 19.14 -5.19 39.01
C ARG B 248 18.75 -5.32 37.54
N GLU B 249 18.32 -6.51 37.14
CA GLU B 249 17.94 -6.74 35.74
C GLU B 249 16.73 -5.89 35.36
N PHE B 250 15.73 -5.84 36.24
CA PHE B 250 14.54 -5.03 35.96
C PHE B 250 14.89 -3.56 35.82
N HIS B 251 15.72 -3.04 36.72
CA HIS B 251 16.12 -1.64 36.64
C HIS B 251 16.91 -1.36 35.36
N TYR B 252 17.84 -2.25 35.01
CA TYR B 252 18.61 -2.09 33.78
C TYR B 252 17.70 -2.03 32.57
N ILE B 253 16.79 -3.01 32.44
CA ILE B 253 15.92 -3.08 31.29
C ILE B 253 15.02 -1.84 31.23
N GLN B 254 14.45 -1.45 32.36
CA GLN B 254 13.49 -0.35 32.36
C GLN B 254 14.13 1.01 32.17
N SER B 255 15.42 1.17 32.50
CA SER B 255 16.08 2.47 32.39
C SER B 255 16.90 2.60 31.12
N LYS B 256 17.91 1.73 30.94
CA LYS B 256 18.87 1.94 29.86
C LYS B 256 18.22 1.75 28.49
N LEU B 257 17.45 0.69 28.32
CA LEU B 257 16.80 0.43 27.04
C LEU B 257 15.79 1.52 26.71
N GLY B 258 15.06 2.01 27.72
CA GLY B 258 14.11 3.07 27.47
C GLY B 258 14.79 4.37 27.05
N ILE B 259 15.90 4.72 27.71
CA ILE B 259 16.63 5.93 27.31
C ILE B 259 17.19 5.77 25.90
N VAL B 260 17.70 4.58 25.57
CA VAL B 260 18.22 4.34 24.22
C VAL B 260 17.09 4.47 23.20
N SER B 261 15.91 3.95 23.52
CA SER B 261 14.77 4.05 22.61
C SER B 261 14.34 5.50 22.41
N LEU B 262 14.33 6.29 23.49
CA LEU B 262 13.99 7.70 23.35
C LEU B 262 15.00 8.43 22.46
N LEU B 263 16.29 8.13 22.66
CA LEU B 263 17.32 8.74 21.82
C LEU B 263 17.15 8.34 20.35
N LEU B 264 16.86 7.06 20.10
CA LEU B 264 16.65 6.62 18.72
C LEU B 264 15.44 7.30 18.10
N GLY B 265 14.36 7.45 18.86
CA GLY B 265 13.18 8.11 18.33
C GLY B 265 13.42 9.57 18.00
N THR B 266 14.12 10.29 18.88
CA THR B 266 14.38 11.69 18.60
C THR B 266 15.37 11.87 17.46
N ILE B 267 16.33 10.94 17.31
CA ILE B 267 17.23 11.02 16.16
C ILE B 267 16.48 10.72 14.87
N HIS B 268 15.55 9.76 14.91
CA HIS B 268 14.68 9.50 13.76
C HIS B 268 13.91 10.75 13.37
N ALA B 269 13.30 11.42 14.35
CA ALA B 269 12.52 12.62 14.05
C ALA B 269 13.42 13.73 13.50
N LEU B 270 14.61 13.89 14.05
CA LEU B 270 15.53 14.91 13.55
C LEU B 270 15.98 14.63 12.12
N ILE B 271 16.29 13.37 11.82
CA ILE B 271 16.76 13.02 10.48
C ILE B 271 15.62 13.16 9.46
N PHE B 272 14.37 12.94 9.89
CA PHE B 272 13.24 13.06 8.96
C PHE B 272 13.21 14.42 8.29
N ALA B 273 13.53 15.49 9.03
CA ALA B 273 13.56 16.85 8.47
C ALA B 273 14.96 17.13 7.95
N TRP B 274 15.18 16.81 6.67
CA TRP B 274 16.49 16.93 6.05
C TRP B 274 16.96 18.38 5.98
N ASN B 275 16.24 19.21 5.21
CA ASN B 275 16.66 20.59 4.99
C ASN B 275 15.50 21.56 5.16
N LYS B 276 14.46 21.16 5.90
CA LYS B 276 13.33 22.03 6.17
C LYS B 276 13.59 22.98 7.34
N TRP B 277 14.74 22.87 8.00
CA TRP B 277 15.06 23.76 9.10
C TRP B 277 15.39 25.16 8.62
N ILE B 278 15.91 25.28 7.40
CA ILE B 278 16.35 26.57 6.86
C ILE B 278 15.43 27.00 5.72
N ASP B 279 14.18 26.53 5.75
CA ASP B 279 13.19 26.85 4.73
C ASP B 279 12.19 27.86 5.29
N ILE B 280 11.83 28.83 4.47
CA ILE B 280 10.96 29.92 4.91
C ILE B 280 9.49 29.56 4.75
N LYS B 281 9.14 28.85 3.67
CA LYS B 281 7.74 28.53 3.39
C LYS B 281 7.17 27.47 4.33
N GLN B 282 7.93 27.02 5.34
CA GLN B 282 7.39 26.07 6.30
C GLN B 282 6.46 26.72 7.30
N PHE B 283 6.53 28.05 7.45
CA PHE B 283 5.64 28.78 8.35
C PHE B 283 4.41 29.20 7.56
N VAL B 284 3.24 28.64 7.92
CA VAL B 284 2.04 28.88 7.13
C VAL B 284 1.63 30.35 7.22
N TRP B 285 1.51 30.89 8.43
CA TRP B 285 1.47 32.33 8.63
C TRP B 285 2.65 32.82 9.45
N TYR B 286 2.78 32.34 10.70
CA TYR B 286 3.93 32.62 11.54
C TYR B 286 4.35 31.42 12.38
N THR B 287 3.62 30.32 12.34
CA THR B 287 3.68 29.13 13.18
C THR B 287 4.73 28.15 12.67
N PRO B 288 5.58 27.66 13.56
CA PRO B 288 6.60 26.67 13.17
C PRO B 288 5.96 25.34 12.84
N PRO B 289 6.64 24.50 12.05
CA PRO B 289 6.06 23.20 11.68
C PRO B 289 6.02 22.24 12.86
N THR B 290 5.35 21.11 12.64
CA THR B 290 5.09 20.16 13.72
C THR B 290 6.38 19.55 14.27
N PHE B 291 7.32 19.19 13.38
CA PHE B 291 8.53 18.51 13.84
C PHE B 291 9.40 19.39 14.72
N MET B 292 9.24 20.71 14.66
CA MET B 292 9.98 21.59 15.57
C MET B 292 9.44 21.48 16.99
N ILE B 293 8.12 21.46 17.13
CA ILE B 293 7.51 21.34 18.46
C ILE B 293 7.68 19.93 19.01
N ALA B 294 7.67 18.93 18.13
CA ALA B 294 7.63 17.53 18.58
C ALA B 294 8.91 17.10 19.30
N VAL B 295 10.02 17.80 19.11
CA VAL B 295 11.30 17.34 19.64
C VAL B 295 11.87 18.33 20.65
N PHE B 296 11.01 19.04 21.37
CA PHE B 296 11.49 20.01 22.35
C PHE B 296 11.78 19.36 23.69
N LEU B 297 10.79 18.65 24.26
CA LEU B 297 10.99 18.00 25.55
C LEU B 297 12.05 16.90 25.53
N PRO B 298 12.06 15.97 24.56
CA PRO B 298 13.10 14.93 24.58
C PRO B 298 14.52 15.48 24.54
N ILE B 299 14.74 16.56 23.78
CA ILE B 299 16.07 17.14 23.69
C ILE B 299 16.50 17.68 25.06
N VAL B 300 15.59 18.38 25.74
CA VAL B 300 15.90 18.91 27.07
C VAL B 300 16.17 17.78 28.04
N VAL B 301 15.36 16.71 28.00
CA VAL B 301 15.55 15.59 28.92
C VAL B 301 16.91 14.94 28.68
N LEU B 302 17.26 14.70 27.42
CA LEU B 302 18.55 14.07 27.12
C LEU B 302 19.71 14.96 27.52
N ILE B 303 19.59 16.27 27.29
CA ILE B 303 20.65 17.19 27.67
C ILE B 303 20.86 17.18 29.17
N PHE B 304 19.76 17.21 29.94
CA PHE B 304 19.90 17.19 31.39
C PHE B 304 20.45 15.87 31.90
N LYS B 305 20.07 14.75 31.26
CA LYS B 305 20.68 13.47 31.63
C LYS B 305 22.18 13.48 31.37
N SER B 306 22.59 14.04 30.22
CA SER B 306 24.02 14.11 29.92
C SER B 306 24.76 14.98 30.93
N ILE B 307 24.16 16.12 31.31
CA ILE B 307 24.80 16.99 32.29
C ILE B 307 24.90 16.31 33.65
N LEU B 308 23.85 15.61 34.07
CA LEU B 308 23.88 14.92 35.35
C LEU B 308 24.80 13.70 35.34
N PHE B 309 25.10 13.14 34.17
CA PHE B 309 26.05 12.04 34.10
C PHE B 309 27.50 12.52 34.21
N LEU B 310 27.86 13.57 33.49
CA LEU B 310 29.20 14.17 33.55
C LEU B 310 29.06 15.66 33.83
N PRO B 311 29.26 16.07 35.09
CA PRO B 311 29.17 17.49 35.47
C PRO B 311 30.30 18.33 34.86
N LEU C 67 -3.89 -33.03 22.98
CA LEU C 67 -5.31 -33.32 23.19
C LEU C 67 -6.16 -32.07 22.95
N PHE C 68 -6.08 -31.11 23.88
CA PHE C 68 -6.85 -29.87 23.83
C PHE C 68 -8.34 -30.18 23.69
N PRO C 69 -8.99 -30.72 24.73
CA PRO C 69 -10.41 -31.09 24.60
C PRO C 69 -11.33 -29.92 24.32
N GLN C 70 -11.01 -28.72 24.83
CA GLN C 70 -11.89 -27.58 24.67
C GLN C 70 -11.76 -26.90 23.31
N TRP C 71 -10.73 -27.20 22.54
CA TRP C 71 -10.53 -26.61 21.22
C TRP C 71 -11.05 -27.50 20.10
N HIS C 72 -11.67 -28.65 20.43
CA HIS C 72 -12.10 -29.58 19.40
C HIS C 72 -13.23 -29.00 18.55
N LEU C 73 -14.21 -28.34 19.18
CA LEU C 73 -15.40 -27.91 18.47
C LEU C 73 -15.15 -26.67 17.61
N PRO C 74 -14.60 -25.57 18.14
CA PRO C 74 -14.41 -24.38 17.28
C PRO C 74 -13.56 -24.63 16.05
N ILE C 75 -12.46 -25.39 16.20
CA ILE C 75 -11.55 -25.59 15.08
C ILE C 75 -12.26 -26.26 13.92
N LYS C 76 -13.05 -27.30 14.21
CA LYS C 76 -13.85 -27.94 13.18
C LYS C 76 -14.69 -26.91 12.41
N ILE C 77 -15.34 -26.01 13.14
CA ILE C 77 -16.13 -24.97 12.49
C ILE C 77 -15.24 -24.13 11.58
N ALA C 78 -14.07 -23.75 12.09
CA ALA C 78 -13.15 -22.94 11.30
C ALA C 78 -12.74 -23.65 10.01
N ALA C 79 -12.78 -24.98 10.00
CA ALA C 79 -12.53 -25.71 8.77
C ALA C 79 -13.68 -25.53 7.78
N ILE C 80 -14.92 -25.73 8.25
CA ILE C 80 -16.05 -25.76 7.34
C ILE C 80 -16.27 -24.39 6.69
N ILE C 81 -16.07 -23.33 7.46
CA ILE C 81 -16.18 -21.98 6.90
C ILE C 81 -15.06 -21.75 5.88
N ALA C 82 -13.88 -22.31 6.11
CA ALA C 82 -12.74 -22.02 5.25
C ALA C 82 -12.87 -22.72 3.90
N SER C 83 -12.94 -24.05 3.91
CA SER C 83 -12.93 -24.82 2.67
C SER C 83 -14.10 -24.43 1.77
N LEU C 84 -15.31 -24.34 2.34
CA LEU C 84 -16.47 -23.95 1.56
C LEU C 84 -16.28 -22.59 0.89
N THR C 85 -15.54 -21.69 1.54
CA THR C 85 -15.23 -20.41 0.89
C THR C 85 -14.28 -20.60 -0.27
N PHE C 86 -13.23 -21.40 -0.08
CA PHE C 86 -12.20 -21.58 -1.11
C PHE C 86 -12.82 -22.04 -2.42
N LEU C 87 -13.47 -23.20 -2.40
CA LEU C 87 -14.10 -23.72 -3.61
C LEU C 87 -15.11 -22.74 -4.18
N TYR C 88 -15.69 -21.87 -3.35
CA TYR C 88 -16.57 -20.82 -3.86
C TYR C 88 -15.77 -19.82 -4.69
N THR C 89 -14.70 -19.27 -4.11
CA THR C 89 -13.94 -18.23 -4.80
C THR C 89 -13.31 -18.76 -6.08
N LEU C 90 -12.73 -19.97 -6.02
CA LEU C 90 -12.18 -20.59 -7.22
C LEU C 90 -13.23 -20.78 -8.31
N LEU C 91 -14.51 -20.89 -7.92
CA LEU C 91 -15.57 -21.03 -8.91
C LEU C 91 -15.91 -19.73 -9.61
N ARG C 92 -15.55 -18.58 -9.04
CA ARG C 92 -15.94 -17.30 -9.60
C ARG C 92 -14.80 -16.50 -10.19
N GLU C 93 -13.54 -16.83 -9.86
CA GLU C 93 -12.40 -16.07 -10.34
C GLU C 93 -11.47 -16.86 -11.25
N VAL C 94 -11.63 -18.18 -11.37
CA VAL C 94 -10.71 -18.99 -12.16
C VAL C 94 -11.49 -19.80 -13.19
N ILE C 95 -12.46 -20.58 -12.73
CA ILE C 95 -13.17 -21.49 -13.63
C ILE C 95 -14.06 -20.71 -14.59
N HIS C 96 -14.75 -19.68 -14.10
CA HIS C 96 -15.64 -18.90 -14.97
C HIS C 96 -14.89 -18.22 -16.11
N PRO C 97 -13.78 -17.50 -15.88
CA PRO C 97 -13.04 -16.95 -17.03
C PRO C 97 -12.48 -18.02 -17.95
N LEU C 98 -12.23 -19.22 -17.45
CA LEU C 98 -11.75 -20.29 -18.31
C LEU C 98 -12.87 -20.82 -19.21
N ALA C 99 -14.09 -20.92 -18.69
CA ALA C 99 -15.19 -21.46 -19.47
C ALA C 99 -15.58 -20.53 -20.61
N THR C 100 -15.73 -19.24 -20.31
CA THR C 100 -16.09 -18.23 -21.30
C THR C 100 -14.98 -17.19 -21.37
N SER C 101 -14.58 -16.83 -22.60
CA SER C 101 -13.48 -15.91 -22.84
C SER C 101 -12.19 -16.45 -22.21
N HIS C 102 -11.73 -17.57 -22.78
CA HIS C 102 -10.65 -18.38 -22.22
C HIS C 102 -9.47 -17.53 -21.76
N GLN C 103 -9.23 -17.55 -20.46
CA GLN C 103 -8.11 -16.86 -19.85
C GLN C 103 -7.58 -17.69 -18.69
N GLN C 104 -6.26 -17.76 -18.56
CA GLN C 104 -5.62 -18.63 -17.56
C GLN C 104 -6.00 -18.23 -16.15
N TYR C 105 -5.54 -17.05 -15.70
CA TYR C 105 -5.86 -16.51 -14.38
C TYR C 105 -5.58 -17.51 -13.27
N PHE C 106 -4.49 -18.28 -13.40
CA PHE C 106 -4.15 -19.31 -12.43
C PHE C 106 -3.16 -18.84 -11.37
N TYR C 107 -2.70 -17.59 -11.45
CA TYR C 107 -1.71 -17.08 -10.50
C TYR C 107 -2.34 -16.40 -9.30
N LYS C 108 -3.67 -16.33 -9.21
CA LYS C 108 -4.35 -15.66 -8.11
C LYS C 108 -4.56 -16.56 -6.90
N ILE C 109 -4.33 -17.87 -7.03
CA ILE C 109 -4.58 -18.78 -5.91
C ILE C 109 -3.67 -18.51 -4.72
N PRO C 110 -2.35 -18.36 -4.87
CA PRO C 110 -1.50 -18.25 -3.67
C PRO C 110 -1.85 -17.10 -2.74
N ILE C 111 -2.25 -15.94 -3.26
CA ILE C 111 -2.43 -14.77 -2.42
C ILE C 111 -3.84 -14.20 -2.55
N LEU C 112 -4.25 -13.89 -3.79
CA LEU C 112 -5.51 -13.20 -4.00
C LEU C 112 -6.70 -14.03 -3.55
N VAL C 113 -6.69 -15.34 -3.84
CA VAL C 113 -7.79 -16.21 -3.41
C VAL C 113 -7.74 -16.41 -1.91
N ILE C 114 -6.54 -16.57 -1.34
CA ILE C 114 -6.41 -16.80 0.10
C ILE C 114 -6.87 -15.58 0.88
N ASN C 115 -6.61 -14.38 0.36
CA ASN C 115 -7.00 -13.16 1.06
C ASN C 115 -8.50 -12.89 1.01
N LYS C 116 -9.29 -13.76 0.38
CA LYS C 116 -10.73 -13.67 0.43
C LYS C 116 -11.34 -14.71 1.35
N VAL C 117 -10.53 -15.59 1.93
CA VAL C 117 -11.00 -16.60 2.87
C VAL C 117 -10.76 -16.18 4.31
N LEU C 118 -9.60 -15.58 4.59
CA LEU C 118 -9.28 -15.15 5.94
C LEU C 118 -10.24 -14.10 6.49
N PRO C 119 -10.58 -13.02 5.76
CA PRO C 119 -11.52 -12.04 6.32
C PRO C 119 -12.89 -12.60 6.67
N MET C 120 -13.37 -13.57 5.89
CA MET C 120 -14.70 -14.12 6.14
C MET C 120 -14.73 -14.99 7.38
N VAL C 121 -13.69 -15.81 7.59
CA VAL C 121 -13.63 -16.65 8.77
C VAL C 121 -13.46 -15.80 10.03
N SER C 122 -12.68 -14.72 9.94
CA SER C 122 -12.45 -13.86 11.09
C SER C 122 -13.74 -13.17 11.54
N ILE C 123 -14.53 -12.68 10.59
CA ILE C 123 -15.74 -11.95 10.93
C ILE C 123 -16.91 -12.87 11.27
N THR C 124 -16.88 -14.12 10.79
CA THR C 124 -17.96 -15.05 11.11
C THR C 124 -17.82 -15.60 12.53
N LEU C 125 -16.58 -15.83 12.96
CA LEU C 125 -16.37 -16.32 14.33
C LEU C 125 -16.62 -15.24 15.37
N LEU C 126 -16.39 -13.97 15.00
CA LEU C 126 -16.67 -12.88 15.93
C LEU C 126 -18.16 -12.72 16.18
N ALA C 127 -18.97 -12.95 15.15
CA ALA C 127 -20.43 -12.86 15.31
C ALA C 127 -20.97 -13.99 16.18
N LEU C 128 -20.35 -15.17 16.12
CA LEU C 128 -20.81 -16.30 16.92
C LEU C 128 -20.53 -16.14 18.40
N VAL C 129 -19.65 -15.21 18.79
CA VAL C 129 -19.39 -14.98 20.20
C VAL C 129 -20.58 -14.32 20.87
N TYR C 130 -21.19 -13.33 20.21
CA TYR C 130 -22.29 -12.57 20.78
C TYR C 130 -23.65 -13.04 20.32
N LEU C 131 -23.73 -14.13 19.56
CA LEU C 131 -25.02 -14.66 19.14
C LEU C 131 -25.76 -15.38 20.27
N PRO C 132 -25.12 -16.21 21.10
CA PRO C 132 -25.86 -16.76 22.25
C PRO C 132 -26.34 -15.70 23.23
N GLY C 133 -25.69 -14.54 23.28
CA GLY C 133 -26.11 -13.50 24.21
C GLY C 133 -27.50 -12.97 23.93
N VAL C 134 -27.83 -12.77 22.66
CA VAL C 134 -29.15 -12.27 22.31
C VAL C 134 -30.22 -13.33 22.53
N ILE C 135 -29.88 -14.61 22.31
CA ILE C 135 -30.84 -15.69 22.49
C ILE C 135 -31.17 -15.86 23.97
N ALA C 136 -30.17 -15.72 24.84
CA ALA C 136 -30.38 -15.93 26.27
C ALA C 136 -31.36 -14.90 26.84
N ALA C 137 -31.25 -13.65 26.40
CA ALA C 137 -32.17 -12.62 26.89
C ALA C 137 -33.60 -12.88 26.40
N ILE C 138 -33.75 -13.34 25.16
CA ILE C 138 -35.08 -13.55 24.60
C ILE C 138 -35.79 -14.70 25.31
N VAL C 139 -35.10 -15.81 25.51
CA VAL C 139 -35.73 -16.98 26.13
C VAL C 139 -36.10 -16.68 27.59
N GLN C 140 -35.32 -15.82 28.25
CA GLN C 140 -35.64 -15.43 29.62
C GLN C 140 -36.94 -14.65 29.67
N LEU C 141 -37.14 -13.72 28.73
CA LEU C 141 -38.39 -12.97 28.69
C LEU C 141 -39.57 -13.86 28.32
N HIS C 142 -39.39 -14.75 27.35
CA HIS C 142 -40.46 -15.64 26.91
C HIS C 142 -40.65 -16.79 27.89
N PHE C 150 -31.86 -24.60 31.35
CA PHE C 150 -31.22 -24.32 30.07
C PHE C 150 -30.74 -25.60 29.40
N PRO C 151 -30.94 -25.70 28.08
CA PRO C 151 -30.53 -26.90 27.35
C PRO C 151 -29.01 -27.01 27.28
N HIS C 152 -28.55 -28.24 27.05
CA HIS C 152 -27.12 -28.51 27.01
C HIS C 152 -26.43 -27.82 25.84
N TRP C 153 -27.12 -27.68 24.70
CA TRP C 153 -26.49 -27.08 23.53
C TRP C 153 -26.18 -25.61 23.76
N LEU C 154 -27.06 -24.90 24.48
CA LEU C 154 -26.80 -23.50 24.77
C LEU C 154 -25.56 -23.34 25.65
N ASP C 155 -25.41 -24.18 26.66
CA ASP C 155 -24.21 -24.13 27.51
C ASP C 155 -22.96 -24.49 26.72
N LYS C 156 -23.06 -25.49 25.85
CA LYS C 156 -21.91 -25.86 25.03
C LYS C 156 -21.51 -24.71 24.11
N TRP C 157 -22.50 -24.00 23.57
CA TRP C 157 -22.22 -22.81 22.76
C TRP C 157 -21.55 -21.73 23.59
N MET C 158 -22.05 -21.49 24.81
CA MET C 158 -21.56 -20.38 25.61
C MET C 158 -20.23 -20.66 26.30
N LEU C 159 -19.78 -21.92 26.31
CA LEU C 159 -18.48 -22.23 26.91
C LEU C 159 -17.32 -22.22 25.91
N THR C 160 -17.56 -21.77 24.67
CA THR C 160 -16.51 -21.74 23.65
C THR C 160 -16.27 -20.34 23.10
N ARG C 161 -16.79 -19.31 23.78
CA ARG C 161 -16.66 -17.95 23.28
C ARG C 161 -15.21 -17.48 23.31
N LYS C 162 -14.45 -17.88 24.33
CA LYS C 162 -13.04 -17.50 24.41
C LYS C 162 -12.26 -18.08 23.23
N GLN C 163 -12.49 -19.36 22.92
CA GLN C 163 -11.82 -19.98 21.79
C GLN C 163 -12.22 -19.32 20.48
N PHE C 164 -13.52 -19.02 20.32
CA PHE C 164 -13.97 -18.35 19.10
C PHE C 164 -13.30 -16.99 18.94
N GLY C 165 -13.20 -16.23 20.02
CA GLY C 165 -12.57 -14.93 19.94
C GLY C 165 -11.08 -15.00 19.64
N LEU C 166 -10.39 -15.96 20.25
CA LEU C 166 -8.96 -16.12 19.98
C LEU C 166 -8.73 -16.49 18.52
N LEU C 167 -9.55 -17.42 17.99
CA LEU C 167 -9.42 -17.77 16.57
C LEU C 167 -9.72 -16.58 15.67
N SER C 168 -10.74 -15.79 16.02
CA SER C 168 -11.05 -14.61 15.23
C SER C 168 -9.89 -13.62 15.21
N PHE C 169 -9.26 -13.40 16.37
CA PHE C 169 -8.11 -12.49 16.41
C PHE C 169 -6.95 -13.02 15.58
N PHE C 170 -6.67 -14.33 15.68
CA PHE C 170 -5.61 -14.92 14.89
C PHE C 170 -5.84 -14.72 13.39
N PHE C 171 -7.05 -15.02 12.92
CA PHE C 171 -7.34 -14.87 11.51
C PHE C 171 -7.35 -13.40 11.07
N ALA C 172 -7.78 -12.49 11.95
CA ALA C 172 -7.73 -11.07 11.61
C ALA C 172 -6.30 -10.59 11.46
N VAL C 173 -5.40 -11.03 12.34
CA VAL C 173 -3.99 -10.67 12.20
C VAL C 173 -3.42 -11.22 10.90
N LEU C 174 -3.75 -12.48 10.58
CA LEU C 174 -3.27 -13.06 9.32
C LEU C 174 -3.80 -12.28 8.11
N HIS C 175 -5.07 -11.90 8.14
CA HIS C 175 -5.65 -11.13 7.03
C HIS C 175 -4.97 -9.78 6.89
N ALA C 176 -4.71 -9.10 8.01
CA ALA C 176 -4.03 -7.81 7.94
C ALA C 176 -2.63 -7.94 7.36
N ILE C 177 -1.89 -8.97 7.79
CA ILE C 177 -0.54 -9.16 7.27
C ILE C 177 -0.57 -9.47 5.77
N TYR C 178 -1.52 -10.31 5.35
CA TYR C 178 -1.64 -10.60 3.92
C TYR C 178 -1.99 -9.34 3.12
N SER C 179 -2.90 -8.51 3.65
CA SER C 179 -3.32 -7.31 2.92
C SER C 179 -2.20 -6.28 2.85
N LEU C 180 -1.34 -6.21 3.86
CA LEU C 180 -0.28 -5.21 3.87
C LEU C 180 0.82 -5.47 2.85
N SER C 181 0.87 -6.65 2.24
CA SER C 181 1.96 -7.03 1.35
C SER C 181 1.59 -6.96 -0.14
N TYR C 182 0.49 -6.30 -0.47
CA TYR C 182 0.08 -6.21 -1.88
C TYR C 182 1.08 -5.46 -2.77
N PRO C 183 1.55 -4.26 -2.42
CA PRO C 183 2.35 -3.49 -3.40
C PRO C 183 3.73 -4.03 -3.68
N MET C 184 4.21 -5.03 -2.95
CA MET C 184 5.59 -5.48 -3.10
C MET C 184 5.74 -6.63 -4.10
N ARG C 185 4.67 -7.01 -4.80
CA ARG C 185 4.75 -8.10 -5.76
C ARG C 185 5.07 -7.56 -7.16
N ARG C 186 5.54 -8.48 -8.02
CA ARG C 186 5.94 -8.09 -9.37
C ARG C 186 4.74 -7.82 -10.27
N SER C 187 3.61 -8.47 -9.99
CA SER C 187 2.42 -8.24 -10.80
C SER C 187 1.97 -6.79 -10.73
N TYR C 188 2.05 -6.19 -9.55
CA TYR C 188 1.70 -4.78 -9.41
C TYR C 188 2.62 -3.89 -10.24
N ARG C 189 3.92 -4.20 -10.23
CA ARG C 189 4.87 -3.42 -11.02
C ARG C 189 4.58 -3.53 -12.51
N TYR C 190 4.31 -4.76 -12.99
CA TYR C 190 4.00 -4.94 -14.41
C TYR C 190 2.71 -4.21 -14.79
N LYS C 191 1.69 -4.29 -13.92
CA LYS C 191 0.45 -3.57 -14.20
C LYS C 191 0.66 -2.07 -14.22
N LEU C 192 1.49 -1.55 -13.32
CA LEU C 192 1.79 -0.12 -13.31
C LEU C 192 2.48 0.30 -14.60
N LEU C 193 3.46 -0.49 -15.05
CA LEU C 193 4.15 -0.16 -16.30
C LEU C 193 3.20 -0.19 -17.49
N ASN C 194 2.32 -1.21 -17.53
CA ASN C 194 1.35 -1.29 -18.62
C ASN C 194 0.38 -0.10 -18.60
N TRP C 195 -0.07 0.28 -17.40
CA TRP C 195 -0.97 1.43 -17.29
C TRP C 195 -0.29 2.71 -17.75
N ALA C 196 0.97 2.90 -17.35
CA ALA C 196 1.70 4.10 -17.79
C ALA C 196 1.87 4.12 -19.30
N TYR C 197 2.20 2.98 -19.90
CA TYR C 197 2.35 2.91 -21.35
C TYR C 197 1.03 3.22 -22.05
N GLN C 198 -0.08 2.66 -21.56
CA GLN C 198 -1.37 2.90 -22.18
C GLN C 198 -1.79 4.35 -22.03
N GLN C 199 -1.51 4.97 -20.88
CA GLN C 199 -1.87 6.38 -20.69
C GLN C 199 -1.03 7.28 -21.57
N VAL C 200 0.24 6.94 -21.77
CA VAL C 200 1.08 7.73 -22.67
C VAL C 200 0.61 7.59 -24.12
N GLN C 201 0.19 6.39 -24.50
CA GLN C 201 -0.23 6.15 -25.88
C GLN C 201 -1.61 6.75 -26.22
N GLN C 202 -2.27 7.53 -25.36
CA GLN C 202 -3.58 8.09 -25.69
C GLN C 202 -3.69 9.58 -25.44
N ASN C 203 -2.62 10.23 -24.96
CA ASN C 203 -2.59 11.68 -24.76
C ASN C 203 -3.64 12.14 -23.75
N LYS C 204 -3.57 11.58 -22.54
CA LYS C 204 -4.40 11.99 -21.42
C LYS C 204 -3.50 12.47 -20.29
N GLU C 205 -3.58 13.76 -19.97
CA GLU C 205 -2.69 14.34 -18.98
C GLU C 205 -3.03 13.95 -17.54
N ASP C 206 -4.31 13.86 -17.19
CA ASP C 206 -4.73 13.64 -15.82
C ASP C 206 -5.53 12.36 -15.72
N ALA C 207 -5.05 11.42 -14.90
CA ALA C 207 -5.76 10.19 -14.60
C ALA C 207 -6.43 10.23 -13.23
N TRP C 208 -6.39 11.37 -12.54
CA TRP C 208 -6.94 11.46 -11.19
C TRP C 208 -8.45 11.27 -11.20
N ILE C 209 -8.95 10.60 -10.16
CA ILE C 209 -10.38 10.43 -9.93
C ILE C 209 -10.68 10.82 -8.49
N GLU C 210 -11.95 11.12 -8.22
CA GLU C 210 -12.35 11.72 -6.95
C GLU C 210 -12.89 10.71 -5.95
N HIS C 211 -13.93 9.96 -6.32
CA HIS C 211 -14.64 9.14 -5.34
C HIS C 211 -13.84 7.92 -4.91
N ASP C 212 -12.95 7.41 -5.77
CA ASP C 212 -12.18 6.21 -5.41
C ASP C 212 -11.17 6.51 -4.30
N VAL C 213 -10.56 7.69 -4.34
CA VAL C 213 -9.60 8.07 -3.30
C VAL C 213 -10.29 8.13 -1.94
N TRP C 214 -11.44 8.81 -1.88
CA TRP C 214 -12.23 8.85 -0.66
C TRP C 214 -12.61 7.44 -0.22
N ARG C 215 -13.09 6.63 -1.18
CA ARG C 215 -13.50 5.26 -0.87
C ARG C 215 -12.39 4.49 -0.17
N MET C 216 -11.19 4.48 -0.76
CA MET C 216 -10.14 3.62 -0.24
C MET C 216 -9.42 4.25 0.94
N GLU C 217 -9.53 5.57 1.15
CA GLU C 217 -8.92 6.18 2.31
C GLU C 217 -9.85 6.21 3.52
N ILE C 218 -11.14 5.93 3.34
CA ILE C 218 -12.05 5.89 4.48
C ILE C 218 -12.00 4.59 5.28
N TYR C 219 -12.00 3.43 4.63
CA TYR C 219 -12.19 2.18 5.34
C TYR C 219 -10.89 1.55 5.85
N VAL C 220 -9.74 1.95 5.32
CA VAL C 220 -8.47 1.41 5.80
C VAL C 220 -8.25 1.80 7.26
N SER C 221 -8.50 3.06 7.59
CA SER C 221 -8.36 3.51 8.97
C SER C 221 -9.32 2.80 9.90
N LEU C 222 -10.56 2.59 9.45
CA LEU C 222 -11.54 1.88 10.27
C LEU C 222 -11.09 0.45 10.53
N GLY C 223 -10.55 -0.23 9.51
CA GLY C 223 -10.03 -1.57 9.71
C GLY C 223 -8.87 -1.60 10.70
N ILE C 224 -7.98 -0.61 10.60
CA ILE C 224 -6.83 -0.56 11.52
C ILE C 224 -7.31 -0.34 12.95
N VAL C 225 -8.29 0.56 13.14
CA VAL C 225 -8.80 0.80 14.49
C VAL C 225 -9.48 -0.45 15.04
N GLY C 226 -10.25 -1.15 14.22
CA GLY C 226 -10.87 -2.40 14.66
C GLY C 226 -9.83 -3.44 15.05
N LEU C 227 -8.76 -3.56 14.26
CA LEU C 227 -7.69 -4.49 14.59
C LEU C 227 -7.03 -4.10 15.91
N ALA C 228 -6.83 -2.81 16.15
CA ALA C 228 -6.25 -2.35 17.41
C ALA C 228 -7.14 -2.72 18.60
N ILE C 229 -8.45 -2.53 18.44
CA ILE C 229 -9.37 -2.88 19.53
C ILE C 229 -9.35 -4.38 19.80
N LEU C 230 -9.34 -5.19 18.73
CA LEU C 230 -9.24 -6.63 18.90
C LEU C 230 -7.95 -7.02 19.60
N ALA C 231 -6.84 -6.38 19.23
CA ALA C 231 -5.56 -6.68 19.85
C ALA C 231 -5.57 -6.35 21.33
N LEU C 232 -6.14 -5.21 21.70
CA LEU C 232 -6.24 -4.83 23.10
C LEU C 232 -7.09 -5.85 23.88
N LEU C 233 -8.22 -6.24 23.31
CA LEU C 233 -9.11 -7.17 24.01
C LEU C 233 -8.48 -8.55 24.11
N ALA C 234 -7.63 -8.92 23.17
CA ALA C 234 -6.93 -10.20 23.25
C ALA C 234 -5.79 -10.16 24.25
N VAL C 235 -5.10 -9.01 24.34
CA VAL C 235 -4.09 -8.83 25.37
C VAL C 235 -4.71 -8.93 26.75
N THR C 236 -5.93 -8.42 26.91
CA THR C 236 -6.63 -8.49 28.19
C THR C 236 -6.89 -9.94 28.63
N SER C 237 -6.82 -10.91 27.72
CA SER C 237 -7.21 -12.29 28.01
C SER C 237 -6.07 -13.15 28.54
N ILE C 238 -4.89 -12.60 28.76
CA ILE C 238 -3.79 -13.39 29.33
C ILE C 238 -4.15 -13.78 30.75
N PRO C 239 -3.95 -15.05 31.16
CA PRO C 239 -4.40 -15.47 32.49
C PRO C 239 -3.78 -14.69 33.64
N SER C 240 -2.50 -14.33 33.53
CA SER C 240 -1.87 -13.55 34.59
C SER C 240 -2.47 -12.15 34.69
N VAL C 241 -2.79 -11.55 33.55
CA VAL C 241 -3.39 -10.22 33.55
C VAL C 241 -4.81 -10.25 34.09
N SER C 242 -5.57 -11.31 33.81
CA SER C 242 -7.00 -11.34 34.10
C SER C 242 -7.32 -11.52 35.58
N ASP C 243 -6.35 -11.81 36.43
CA ASP C 243 -6.58 -11.92 37.86
C ASP C 243 -6.32 -10.61 38.61
N SER C 244 -5.98 -9.54 37.90
CA SER C 244 -5.77 -8.23 38.51
C SER C 244 -6.96 -7.31 38.37
N LEU C 245 -8.09 -7.81 37.89
CA LEU C 245 -9.29 -7.01 37.67
C LEU C 245 -10.37 -7.37 38.69
N THR C 246 -11.35 -6.49 38.82
CA THR C 246 -12.43 -6.61 39.78
C THR C 246 -13.71 -7.11 39.14
N TRP C 247 -13.58 -7.67 37.93
CA TRP C 247 -14.65 -8.29 37.14
C TRP C 247 -15.60 -7.26 36.55
N ARG C 248 -15.55 -6.03 37.05
CA ARG C 248 -16.35 -4.96 36.44
C ARG C 248 -15.59 -4.36 35.27
N GLU C 249 -14.31 -4.04 35.49
CA GLU C 249 -13.44 -3.66 34.39
C GLU C 249 -13.33 -4.79 33.37
N PHE C 250 -13.25 -6.04 33.85
CA PHE C 250 -13.19 -7.18 32.96
C PHE C 250 -14.44 -7.28 32.10
N HIS C 251 -15.63 -7.17 32.73
CA HIS C 251 -16.87 -7.25 31.97
C HIS C 251 -16.97 -6.11 30.96
N TYR C 252 -16.61 -4.89 31.39
CA TYR C 252 -16.67 -3.74 30.49
C TYR C 252 -15.77 -3.96 29.27
N ILE C 253 -14.51 -4.35 29.50
CA ILE C 253 -13.58 -4.55 28.40
C ILE C 253 -14.05 -5.66 27.48
N GLN C 254 -14.53 -6.77 28.06
CA GLN C 254 -14.90 -7.92 27.25
C GLN C 254 -16.19 -7.70 26.47
N SER C 255 -17.07 -6.81 26.92
CA SER C 255 -18.34 -6.60 26.23
C SER C 255 -18.33 -5.37 25.32
N LYS C 256 -18.07 -4.19 25.89
CA LYS C 256 -18.22 -2.97 25.13
C LYS C 256 -17.19 -2.87 24.01
N LEU C 257 -15.93 -3.19 24.31
CA LEU C 257 -14.89 -3.12 23.28
C LEU C 257 -15.13 -4.13 22.18
N GLY C 258 -15.60 -5.33 22.53
CA GLY C 258 -15.92 -6.31 21.52
C GLY C 258 -17.05 -5.88 20.61
N ILE C 259 -18.10 -5.29 21.19
CA ILE C 259 -19.22 -4.80 20.39
C ILE C 259 -18.74 -3.69 19.44
N VAL C 260 -17.92 -2.77 19.96
CA VAL C 260 -17.41 -1.68 19.13
C VAL C 260 -16.54 -2.24 18.01
N SER C 261 -15.72 -3.24 18.30
CA SER C 261 -14.87 -3.84 17.27
C SER C 261 -15.70 -4.51 16.19
N LEU C 262 -16.75 -5.24 16.58
CA LEU C 262 -17.62 -5.87 15.60
C LEU C 262 -18.30 -4.82 14.72
N LEU C 263 -18.79 -3.73 15.33
CA LEU C 263 -19.41 -2.67 14.55
C LEU C 263 -18.42 -2.03 13.59
N LEU C 264 -17.18 -1.79 14.05
CA LEU C 264 -16.18 -1.19 13.18
C LEU C 264 -15.84 -2.11 12.02
N GLY C 265 -15.71 -3.41 12.27
CA GLY C 265 -15.44 -4.34 11.18
C GLY C 265 -16.58 -4.40 10.18
N THR C 266 -17.82 -4.40 10.67
CA THR C 266 -18.97 -4.41 9.76
C THR C 266 -19.00 -3.15 8.91
N ILE C 267 -18.74 -1.99 9.51
CA ILE C 267 -18.74 -0.74 8.74
C ILE C 267 -17.60 -0.73 7.73
N HIS C 268 -16.43 -1.25 8.11
CA HIS C 268 -15.30 -1.33 7.18
C HIS C 268 -15.65 -2.21 5.98
N ALA C 269 -16.26 -3.37 6.23
CA ALA C 269 -16.65 -4.25 5.13
C ALA C 269 -17.72 -3.59 4.26
N LEU C 270 -18.67 -2.88 4.86
CA LEU C 270 -19.71 -2.21 4.10
C LEU C 270 -19.14 -1.11 3.20
N ILE C 271 -18.22 -0.30 3.74
CA ILE C 271 -17.62 0.77 2.95
C ILE C 271 -16.67 0.22 1.89
N PHE C 272 -16.15 -1.00 2.08
CA PHE C 272 -15.30 -1.59 1.05
C PHE C 272 -16.05 -1.71 -0.28
N ALA C 273 -17.30 -2.15 -0.24
CA ALA C 273 -18.14 -2.25 -1.43
C ALA C 273 -18.83 -0.90 -1.64
N TRP C 274 -18.27 -0.10 -2.55
CA TRP C 274 -18.75 1.27 -2.72
C TRP C 274 -20.06 1.31 -3.48
N ASN C 275 -20.07 0.85 -4.74
CA ASN C 275 -21.28 0.87 -5.54
C ASN C 275 -21.54 -0.48 -6.22
N LYS C 276 -20.86 -1.55 -5.78
CA LYS C 276 -21.09 -2.88 -6.34
C LYS C 276 -22.42 -3.48 -5.91
N TRP C 277 -23.12 -2.84 -4.96
CA TRP C 277 -24.41 -3.37 -4.52
C TRP C 277 -25.44 -3.37 -5.65
N ILE C 278 -25.44 -2.31 -6.48
CA ILE C 278 -26.39 -2.21 -7.58
C ILE C 278 -25.86 -2.75 -8.89
N ASP C 279 -24.58 -3.12 -8.95
CA ASP C 279 -24.02 -3.66 -10.18
C ASP C 279 -24.60 -5.04 -10.47
N ILE C 280 -24.75 -5.34 -11.75
CA ILE C 280 -25.32 -6.61 -12.19
C ILE C 280 -24.26 -7.61 -12.66
N LYS C 281 -23.04 -7.15 -12.95
CA LYS C 281 -21.97 -8.06 -13.36
C LYS C 281 -21.36 -8.81 -12.19
N GLN C 282 -21.70 -8.45 -10.95
CA GLN C 282 -21.18 -9.19 -9.80
C GLN C 282 -21.72 -10.60 -9.75
N PHE C 283 -22.95 -10.81 -10.22
CA PHE C 283 -23.55 -12.14 -10.29
C PHE C 283 -23.04 -12.82 -11.56
N VAL C 284 -22.11 -13.77 -11.40
CA VAL C 284 -21.48 -14.39 -12.56
C VAL C 284 -22.49 -15.25 -13.32
N TRP C 285 -23.05 -16.26 -12.64
CA TRP C 285 -24.09 -17.08 -13.25
C TRP C 285 -25.43 -16.91 -12.53
N TYR C 286 -25.49 -17.26 -11.25
CA TYR C 286 -26.63 -16.94 -10.41
C TYR C 286 -26.24 -16.59 -8.98
N THR C 287 -24.95 -16.55 -8.66
CA THR C 287 -24.38 -16.45 -7.33
C THR C 287 -24.09 -15.00 -6.95
N PRO C 288 -24.44 -14.60 -5.73
CA PRO C 288 -24.12 -13.26 -5.27
C PRO C 288 -22.66 -13.16 -4.85
N PRO C 289 -22.10 -11.95 -4.80
CA PRO C 289 -20.71 -11.81 -4.36
C PRO C 289 -20.54 -12.17 -2.89
N THR C 290 -19.27 -12.21 -2.47
CA THR C 290 -18.95 -12.70 -1.13
C THR C 290 -19.14 -11.63 -0.06
N PHE C 291 -19.03 -10.35 -0.42
CA PHE C 291 -19.20 -9.31 0.58
C PHE C 291 -20.66 -9.16 1.03
N MET C 292 -21.61 -9.65 0.23
CA MET C 292 -22.99 -9.69 0.67
C MET C 292 -23.21 -10.78 1.70
N ILE C 293 -22.60 -11.96 1.48
CA ILE C 293 -22.73 -13.06 2.43
C ILE C 293 -21.99 -12.76 3.72
N ALA C 294 -20.85 -12.08 3.64
CA ALA C 294 -20.00 -11.89 4.81
C ALA C 294 -20.68 -11.05 5.89
N VAL C 295 -21.48 -10.07 5.50
CA VAL C 295 -22.02 -9.09 6.45
C VAL C 295 -23.49 -9.37 6.76
N PHE C 296 -23.92 -10.62 6.58
CA PHE C 296 -25.32 -10.96 6.85
C PHE C 296 -25.57 -11.13 8.33
N LEU C 297 -24.89 -12.09 8.96
CA LEU C 297 -25.09 -12.35 10.38
C LEU C 297 -24.71 -11.17 11.27
N PRO C 298 -23.57 -10.49 11.08
CA PRO C 298 -23.27 -9.35 11.96
C PRO C 298 -24.33 -8.26 11.94
N ILE C 299 -24.96 -8.01 10.80
CA ILE C 299 -26.02 -7.00 10.74
C ILE C 299 -27.20 -7.41 11.61
N VAL C 300 -27.59 -8.69 11.55
CA VAL C 300 -28.68 -9.17 12.39
C VAL C 300 -28.30 -9.04 13.87
N VAL C 301 -27.07 -9.42 14.22
CA VAL C 301 -26.64 -9.35 15.61
C VAL C 301 -26.68 -7.90 16.10
N LEU C 302 -26.17 -6.97 15.30
CA LEU C 302 -26.16 -5.57 15.70
C LEU C 302 -27.57 -5.01 15.81
N ILE C 303 -28.48 -5.41 14.91
CA ILE C 303 -29.86 -4.93 14.98
C ILE C 303 -30.52 -5.42 16.26
N PHE C 304 -30.31 -6.70 16.61
CA PHE C 304 -30.90 -7.23 17.83
C PHE C 304 -30.31 -6.55 19.07
N LYS C 305 -29.00 -6.31 19.08
CA LYS C 305 -28.40 -5.60 20.20
C LYS C 305 -28.94 -4.19 20.34
N SER C 306 -29.12 -3.50 19.21
CA SER C 306 -29.68 -2.14 19.26
C SER C 306 -31.11 -2.15 19.77
N ILE C 307 -31.91 -3.15 19.35
CA ILE C 307 -33.28 -3.25 19.85
C ILE C 307 -33.28 -3.50 21.35
N LEU C 308 -32.42 -4.40 21.82
CA LEU C 308 -32.39 -4.71 23.25
C LEU C 308 -31.91 -3.51 24.08
N PHE C 309 -30.90 -2.79 23.61
CA PHE C 309 -30.40 -1.65 24.36
C PHE C 309 -31.44 -0.54 24.47
N LEU C 310 -32.08 -0.21 23.35
CA LEU C 310 -33.06 0.87 23.34
C LEU C 310 -34.46 0.36 23.69
N GLN D 1 0.67 1.20 -42.70
CA GLN D 1 -0.12 2.37 -43.04
C GLN D 1 -1.52 2.26 -42.45
N VAL D 2 -1.81 3.10 -41.44
CA VAL D 2 -3.10 3.11 -40.77
C VAL D 2 -4.04 4.05 -41.53
N GLN D 3 -5.28 3.61 -41.73
CA GLN D 3 -6.27 4.41 -42.44
C GLN D 3 -7.64 4.18 -41.83
N LEU D 4 -8.51 5.18 -41.98
CA LEU D 4 -9.88 5.11 -41.50
C LEU D 4 -10.80 5.58 -42.62
N VAL D 5 -11.82 4.77 -42.92
CA VAL D 5 -12.73 5.02 -44.04
C VAL D 5 -14.16 5.11 -43.49
N GLN D 6 -14.88 6.14 -43.91
CA GLN D 6 -16.25 6.37 -43.45
C GLN D 6 -17.22 6.21 -44.62
N SER D 7 -18.51 6.31 -44.29
CA SER D 7 -19.57 6.13 -45.28
C SER D 7 -19.76 7.41 -46.09
N GLY D 8 -20.82 7.46 -46.88
CA GLY D 8 -21.11 8.59 -47.73
C GLY D 8 -22.08 9.58 -47.08
N ALA D 9 -22.39 10.63 -47.85
CA ALA D 9 -23.27 11.68 -47.37
C ALA D 9 -24.69 11.15 -47.17
N GLU D 10 -25.37 11.72 -46.18
CA GLU D 10 -26.72 11.32 -45.83
C GLU D 10 -27.63 12.54 -45.74
N VAL D 11 -28.87 12.39 -46.22
CA VAL D 11 -29.89 13.41 -46.13
C VAL D 11 -31.09 12.81 -45.41
N LYS D 12 -31.63 13.54 -44.43
CA LYS D 12 -32.71 13.03 -43.60
C LYS D 12 -33.80 14.07 -43.39
N LYS D 13 -34.75 13.77 -42.50
CA LYS D 13 -35.82 14.67 -42.11
C LYS D 13 -35.90 14.71 -40.59
N PRO D 14 -36.42 15.79 -40.03
CA PRO D 14 -36.50 15.89 -38.56
C PRO D 14 -37.32 14.75 -37.96
N GLY D 15 -36.86 14.27 -36.81
CA GLY D 15 -37.51 13.17 -36.12
C GLY D 15 -36.99 11.79 -36.49
N ALA D 16 -36.09 11.69 -37.46
CA ALA D 16 -35.54 10.41 -37.89
C ALA D 16 -34.26 10.11 -37.10
N SER D 17 -33.52 9.08 -37.54
CA SER D 17 -32.27 8.70 -36.92
C SER D 17 -31.22 8.47 -37.99
N VAL D 18 -29.96 8.63 -37.61
CA VAL D 18 -28.84 8.51 -38.54
C VAL D 18 -27.80 7.55 -37.97
N LYS D 19 -27.18 6.78 -38.87
CA LYS D 19 -26.13 5.84 -38.52
C LYS D 19 -24.92 6.11 -39.41
N VAL D 20 -23.74 6.22 -38.81
CA VAL D 20 -22.51 6.46 -39.55
C VAL D 20 -21.47 5.45 -39.11
N SER D 21 -20.65 4.98 -40.05
CA SER D 21 -19.68 3.94 -39.81
C SER D 21 -18.26 4.44 -40.07
N CYS D 22 -17.31 3.90 -39.31
CA CYS D 22 -15.89 4.19 -39.48
C CYS D 22 -15.12 2.89 -39.37
N LYS D 23 -14.47 2.48 -40.45
CA LYS D 23 -13.69 1.25 -40.50
C LYS D 23 -12.21 1.58 -40.49
N ALA D 24 -11.48 1.01 -39.53
CA ALA D 24 -10.06 1.27 -39.35
C ALA D 24 -9.25 0.06 -39.81
N SER D 25 -8.27 0.29 -40.68
CA SER D 25 -7.43 -0.77 -41.20
C SER D 25 -5.97 -0.37 -41.08
N GLY D 26 -5.14 -1.24 -40.51
CA GLY D 26 -3.72 -0.98 -40.42
C GLY D 26 -3.14 -1.27 -39.04
N TYR D 27 -3.98 -1.65 -38.09
CA TYR D 27 -3.54 -1.91 -36.73
C TYR D 27 -4.55 -2.84 -36.06
N THR D 28 -4.37 -3.07 -34.76
CA THR D 28 -5.29 -3.90 -33.99
C THR D 28 -6.46 -3.05 -33.53
N PHE D 29 -7.62 -3.27 -34.13
CA PHE D 29 -8.78 -2.40 -33.94
C PHE D 29 -9.31 -2.45 -32.51
N SER D 30 -9.04 -3.52 -31.75
CA SER D 30 -9.60 -3.70 -30.43
C SER D 30 -8.63 -3.33 -29.32
N THR D 31 -7.77 -2.34 -29.54
CA THR D 31 -6.82 -1.94 -28.50
C THR D 31 -6.84 -0.45 -28.21
N TYR D 32 -7.04 0.40 -29.21
CA TYR D 32 -6.89 1.84 -29.07
C TYR D 32 -8.23 2.54 -29.17
N TRP D 33 -8.35 3.65 -28.45
CA TRP D 33 -9.58 4.43 -28.43
C TRP D 33 -9.86 5.06 -29.79
N ILE D 34 -11.13 5.31 -30.05
CA ILE D 34 -11.59 6.03 -31.24
C ILE D 34 -12.49 7.17 -30.77
N GLU D 35 -12.16 8.40 -31.18
CA GLU D 35 -12.96 9.56 -30.83
C GLU D 35 -13.84 9.97 -32.00
N TRP D 36 -15.04 10.46 -31.67
CA TRP D 36 -15.98 10.97 -32.65
C TRP D 36 -16.14 12.47 -32.43
N VAL D 37 -15.88 13.25 -33.48
CA VAL D 37 -15.87 14.70 -33.45
C VAL D 37 -16.81 15.21 -34.52
N ARG D 38 -17.37 16.40 -34.31
CA ARG D 38 -18.34 16.99 -35.22
C ARG D 38 -17.95 18.44 -35.53
N GLN D 39 -18.11 18.83 -36.78
CA GLN D 39 -17.89 20.22 -37.20
C GLN D 39 -19.09 20.70 -37.98
N ALA D 40 -19.62 21.86 -37.58
CA ALA D 40 -20.76 22.48 -38.25
C ALA D 40 -20.30 23.70 -39.04
N PRO D 41 -21.00 24.05 -40.12
CA PRO D 41 -20.61 25.23 -40.89
C PRO D 41 -20.68 26.49 -40.05
N GLY D 42 -19.63 27.30 -40.13
CA GLY D 42 -19.58 28.54 -39.37
C GLY D 42 -19.61 28.34 -37.87
N GLN D 43 -18.88 27.34 -37.36
CA GLN D 43 -18.86 27.07 -35.94
C GLN D 43 -17.59 26.30 -35.60
N ARG D 44 -17.24 26.31 -34.32
CA ARG D 44 -16.04 25.64 -33.83
C ARG D 44 -16.25 24.12 -33.86
N LEU D 45 -15.12 23.41 -33.85
CA LEU D 45 -15.16 21.96 -33.77
C LEU D 45 -15.73 21.51 -32.42
N GLU D 46 -16.52 20.45 -32.44
CA GLU D 46 -17.21 19.96 -31.25
C GLU D 46 -16.84 18.51 -31.01
N TRP D 47 -16.32 18.22 -29.81
CA TRP D 47 -15.93 16.86 -29.45
C TRP D 47 -17.14 16.10 -28.91
N MET D 48 -17.57 15.07 -29.65
CA MET D 48 -18.79 14.36 -29.28
C MET D 48 -18.51 13.24 -28.29
N GLY D 49 -17.68 12.27 -28.64
CA GLY D 49 -17.56 11.13 -27.76
C GLY D 49 -16.30 10.31 -27.99
N GLU D 50 -16.18 9.24 -27.21
CA GLU D 50 -15.03 8.35 -27.29
C GLU D 50 -15.46 6.93 -26.99
N ILE D 51 -14.84 5.96 -27.66
CA ILE D 51 -15.15 4.55 -27.48
C ILE D 51 -13.87 3.73 -27.46
N LEU D 52 -13.91 2.62 -26.72
CA LEU D 52 -12.83 1.65 -26.73
C LEU D 52 -13.33 0.35 -27.33
N PRO D 53 -12.94 0.01 -28.57
CA PRO D 53 -13.39 -1.24 -29.16
C PRO D 53 -12.85 -2.46 -28.44
N GLY D 54 -13.63 -3.54 -28.44
CA GLY D 54 -13.24 -4.78 -27.82
C GLY D 54 -13.59 -4.92 -26.36
N SER D 55 -14.09 -3.87 -25.73
CA SER D 55 -14.48 -3.92 -24.33
C SER D 55 -15.57 -2.89 -24.08
N GLY D 56 -16.28 -3.05 -22.98
CA GLY D 56 -17.34 -2.11 -22.65
C GLY D 56 -16.83 -0.91 -21.87
N GLN D 57 -16.52 0.16 -22.59
CA GLN D 57 -16.10 1.41 -21.96
C GLN D 57 -16.32 2.52 -22.98
N THR D 58 -17.33 3.36 -22.75
CA THR D 58 -17.70 4.39 -23.70
C THR D 58 -17.93 5.70 -22.95
N ASP D 59 -17.33 6.78 -23.44
CA ASP D 59 -17.42 8.09 -22.81
C ASP D 59 -18.22 9.03 -23.69
N PHE D 60 -19.15 9.75 -23.05
CA PHE D 60 -20.09 10.62 -23.74
C PHE D 60 -19.84 12.06 -23.35
N ASN D 61 -20.36 12.97 -24.16
CA ASN D 61 -20.45 14.37 -23.80
C ASN D 61 -21.75 14.61 -23.02
N GLU D 62 -21.72 15.58 -22.11
CA GLU D 62 -22.89 15.82 -21.27
C GLU D 62 -24.10 16.26 -22.09
N LYS D 63 -23.88 17.10 -23.10
CA LYS D 63 -25.00 17.57 -23.92
C LYS D 63 -25.62 16.43 -24.72
N PHE D 64 -24.79 15.55 -25.26
CA PHE D 64 -25.26 14.48 -26.13
C PHE D 64 -25.67 13.22 -25.37
N GLN D 65 -25.57 13.22 -24.04
CA GLN D 65 -25.91 12.05 -23.25
C GLN D 65 -27.42 11.83 -23.29
N GLY D 66 -27.85 10.83 -24.06
CA GLY D 66 -29.26 10.49 -24.14
C GLY D 66 -29.81 10.47 -25.54
N ARG D 67 -28.99 10.84 -26.52
CA ARG D 67 -29.43 10.86 -27.91
C ARG D 67 -28.51 10.04 -28.81
N VAL D 68 -27.20 10.04 -28.50
CA VAL D 68 -26.21 9.40 -29.33
C VAL D 68 -25.70 8.14 -28.64
N THR D 69 -25.26 7.19 -29.45
CA THR D 69 -24.68 5.95 -28.93
C THR D 69 -23.60 5.46 -29.89
N PHE D 70 -22.65 4.71 -29.32
CA PHE D 70 -21.53 4.15 -30.07
C PHE D 70 -21.53 2.63 -29.91
N THR D 71 -21.30 1.93 -31.02
CA THR D 71 -21.20 0.48 -31.04
C THR D 71 -19.94 0.08 -31.79
N ALA D 72 -19.46 -1.14 -31.52
CA ALA D 72 -18.24 -1.63 -32.15
C ALA D 72 -18.42 -3.06 -32.60
N ASP D 73 -17.89 -3.37 -33.79
CA ASP D 73 -17.86 -4.72 -34.33
C ASP D 73 -16.40 -5.07 -34.63
N THR D 74 -15.84 -5.98 -33.84
CA THR D 74 -14.43 -6.33 -33.97
C THR D 74 -14.17 -7.21 -35.18
N SER D 75 -15.10 -8.10 -35.52
CA SER D 75 -14.89 -9.00 -36.64
C SER D 75 -14.72 -8.24 -37.95
N SER D 76 -15.53 -7.21 -38.18
CA SER D 76 -15.41 -6.38 -39.37
C SER D 76 -14.55 -5.14 -39.14
N ASP D 77 -14.06 -4.93 -37.92
CA ASP D 77 -13.25 -3.77 -37.57
C ASP D 77 -13.97 -2.47 -37.93
N THR D 78 -15.13 -2.26 -37.31
CA THR D 78 -15.96 -1.10 -37.60
C THR D 78 -16.48 -0.50 -36.30
N ALA D 79 -16.66 0.82 -36.30
CA ALA D 79 -17.28 1.53 -35.19
C ALA D 79 -18.45 2.35 -35.75
N TYR D 80 -19.61 2.21 -35.13
CA TYR D 80 -20.82 2.87 -35.59
C TYR D 80 -21.29 3.89 -34.57
N MET D 81 -21.74 5.03 -35.07
CA MET D 81 -22.37 6.07 -34.26
C MET D 81 -23.81 6.21 -34.70
N GLU D 82 -24.74 6.14 -33.74
CA GLU D 82 -26.16 6.30 -33.99
C GLU D 82 -26.66 7.53 -33.27
N LEU D 83 -27.32 8.42 -34.01
CA LEU D 83 -27.87 9.65 -33.45
C LEU D 83 -29.37 9.68 -33.72
N SER D 84 -30.13 10.13 -32.71
CA SER D 84 -31.59 10.11 -32.78
C SER D 84 -32.13 11.51 -32.50
N SER D 85 -33.39 11.70 -32.90
CA SER D 85 -34.10 12.97 -32.74
C SER D 85 -33.34 14.12 -33.43
N LEU D 86 -33.09 13.91 -34.72
CA LEU D 86 -32.36 14.91 -35.50
C LEU D 86 -33.19 16.19 -35.62
N ARG D 87 -32.53 17.32 -35.38
CA ARG D 87 -33.14 18.64 -35.50
C ARG D 87 -32.52 19.39 -36.68
N SER D 88 -32.96 20.62 -36.87
CA SER D 88 -32.45 21.44 -37.97
C SER D 88 -31.00 21.87 -37.77
N GLU D 89 -30.47 21.76 -36.56
CA GLU D 89 -29.10 22.16 -36.26
C GLU D 89 -28.15 20.98 -36.20
N ASP D 90 -28.57 19.81 -36.66
CA ASP D 90 -27.73 18.61 -36.63
C ASP D 90 -27.07 18.32 -37.97
N THR D 91 -27.18 19.23 -38.94
CA THR D 91 -26.45 19.10 -40.19
C THR D 91 -25.00 19.51 -39.97
N ALA D 92 -24.07 18.61 -40.28
CA ALA D 92 -22.66 18.83 -39.96
C ALA D 92 -21.82 17.79 -40.69
N VAL D 93 -20.54 17.73 -40.33
CA VAL D 93 -19.61 16.72 -40.83
C VAL D 93 -19.01 16.01 -39.62
N TYR D 94 -18.99 14.68 -39.66
CA TYR D 94 -18.55 13.86 -38.55
C TYR D 94 -17.24 13.16 -38.91
N TYR D 95 -16.29 13.18 -37.98
CA TYR D 95 -14.98 12.58 -38.16
C TYR D 95 -14.72 11.56 -37.06
N CYS D 96 -14.06 10.47 -37.43
CA CYS D 96 -13.52 9.49 -36.49
C CYS D 96 -12.01 9.65 -36.43
N THR D 97 -11.46 9.74 -35.22
CA THR D 97 -10.10 10.21 -35.00
C THR D 97 -9.38 9.28 -34.03
N ARG D 98 -8.07 9.15 -34.22
CA ARG D 98 -7.24 8.31 -33.36
C ARG D 98 -5.87 8.94 -33.17
N TRP D 99 -5.37 8.87 -31.94
CA TRP D 99 -4.03 9.33 -31.58
C TRP D 99 -3.07 8.15 -31.49
N GLY D 100 -1.78 8.48 -31.57
CA GLY D 100 -0.75 7.48 -31.40
C GLY D 100 0.60 8.10 -31.12
N TYR D 101 1.51 7.29 -30.59
CA TYR D 101 2.84 7.73 -30.24
C TYR D 101 3.88 6.76 -30.79
N TYR D 102 5.03 7.28 -31.19
CA TYR D 102 6.15 6.48 -31.67
C TYR D 102 7.42 6.94 -30.95
N GLY D 103 8.17 5.97 -30.44
CA GLY D 103 9.38 6.32 -29.70
C GLY D 103 10.40 7.02 -30.59
N THR D 104 11.06 8.02 -30.01
CA THR D 104 12.07 8.86 -30.66
C THR D 104 11.54 9.61 -31.87
N ARG D 105 10.24 9.56 -32.13
CA ARG D 105 9.62 10.28 -33.24
C ARG D 105 8.57 11.27 -32.77
N GLY D 106 7.64 10.85 -31.91
CA GLY D 106 6.66 11.77 -31.37
C GLY D 106 5.23 11.32 -31.53
N TYR D 107 4.31 12.28 -31.45
CA TYR D 107 2.88 12.00 -31.56
C TYR D 107 2.41 12.11 -33.00
N PHE D 108 1.35 11.35 -33.32
CA PHE D 108 0.67 11.46 -34.59
C PHE D 108 -0.83 11.35 -34.36
N ASN D 109 -1.60 12.00 -35.24
CA ASN D 109 -3.05 12.03 -35.14
C ASN D 109 -3.63 11.75 -36.52
N VAL D 110 -4.61 10.84 -36.58
CA VAL D 110 -5.21 10.42 -37.84
C VAL D 110 -6.70 10.69 -37.78
N TRP D 111 -7.24 11.27 -38.86
CA TRP D 111 -8.64 11.62 -38.99
C TRP D 111 -9.26 10.87 -40.15
N GLY D 112 -10.58 10.71 -40.10
CA GLY D 112 -11.31 10.18 -41.23
C GLY D 112 -11.59 11.25 -42.27
N GLN D 113 -12.12 10.81 -43.42
CA GLN D 113 -12.41 11.76 -44.49
C GLN D 113 -13.65 12.60 -44.18
N GLY D 114 -14.49 12.17 -43.24
CA GLY D 114 -15.65 12.95 -42.86
C GLY D 114 -16.92 12.53 -43.55
N THR D 115 -18.01 12.42 -42.78
CA THR D 115 -19.32 12.07 -43.30
C THR D 115 -20.26 13.27 -43.12
N LEU D 116 -20.89 13.70 -44.20
CA LEU D 116 -21.76 14.87 -44.18
C LEU D 116 -23.20 14.43 -43.96
N VAL D 117 -23.85 15.01 -42.95
CA VAL D 117 -25.25 14.71 -42.63
C VAL D 117 -26.04 16.01 -42.74
N THR D 118 -27.10 15.99 -43.55
CA THR D 118 -27.94 17.16 -43.76
C THR D 118 -29.39 16.81 -43.48
N VAL D 119 -30.15 17.82 -43.05
CA VAL D 119 -31.55 17.67 -42.72
C VAL D 119 -32.33 18.81 -43.38
N SER D 120 -33.51 18.50 -43.90
CA SER D 120 -34.35 19.50 -44.54
C SER D 120 -35.81 19.03 -44.60
N GLU E 1 -16.58 23.09 -18.10
CA GLU E 1 -15.50 22.83 -19.04
C GLU E 1 -14.57 24.04 -19.16
N ILE E 2 -13.47 23.86 -19.89
CA ILE E 2 -12.50 24.92 -20.12
C ILE E 2 -12.77 25.53 -21.49
N VAL E 3 -12.80 26.86 -21.54
CA VAL E 3 -13.11 27.60 -22.76
C VAL E 3 -11.82 28.21 -23.30
N LEU E 4 -11.54 27.98 -24.58
CA LEU E 4 -10.35 28.47 -25.23
C LEU E 4 -10.73 29.63 -26.14
N THR E 5 -9.98 30.73 -26.04
CA THR E 5 -10.23 31.94 -26.81
C THR E 5 -8.97 32.34 -27.55
N GLN E 6 -9.11 32.60 -28.85
CA GLN E 6 -8.01 33.08 -29.67
C GLN E 6 -8.21 34.57 -29.95
N SER E 7 -7.16 35.36 -29.67
CA SER E 7 -7.33 36.82 -29.68
C SER E 7 -7.53 37.37 -31.08
N PRO E 8 -6.61 37.18 -32.03
CA PRO E 8 -6.77 37.85 -33.34
C PRO E 8 -7.86 37.18 -34.16
N ALA E 9 -8.81 38.00 -34.64
CA ALA E 9 -9.89 37.48 -35.48
C ALA E 9 -9.40 37.17 -36.89
N THR E 10 -8.56 38.03 -37.45
CA THR E 10 -8.02 37.82 -38.79
C THR E 10 -6.70 38.56 -38.92
N LEU E 11 -5.91 38.15 -39.91
CA LEU E 11 -4.59 38.73 -40.16
C LEU E 11 -4.46 38.98 -41.66
N SER E 12 -4.76 40.21 -42.08
CA SER E 12 -4.48 40.65 -43.44
C SER E 12 -3.02 41.08 -43.50
N LEU E 13 -2.15 40.09 -43.59
CA LEU E 13 -0.71 40.27 -43.40
C LEU E 13 0.02 40.08 -44.72
N SER E 14 1.14 40.79 -44.87
CA SER E 14 1.89 40.75 -46.12
C SER E 14 2.49 39.37 -46.35
N PRO E 15 2.62 38.95 -47.61
CA PRO E 15 3.20 37.63 -47.90
C PRO E 15 4.71 37.60 -47.73
N GLY E 16 5.18 37.44 -46.50
CA GLY E 16 6.61 37.38 -46.26
C GLY E 16 7.03 37.90 -44.89
N GLU E 17 6.09 38.50 -44.16
CA GLU E 17 6.37 38.99 -42.82
C GLU E 17 6.17 37.85 -41.82
N ARG E 18 6.21 38.18 -40.53
CA ARG E 18 6.03 37.20 -39.47
C ARG E 18 4.62 37.31 -38.88
N ALA E 19 4.11 36.19 -38.38
CA ALA E 19 2.76 36.12 -37.83
C ALA E 19 2.81 35.61 -36.41
N THR E 20 1.90 36.11 -35.58
CA THR E 20 1.84 35.73 -34.16
C THR E 20 0.39 35.49 -33.80
N LEU E 21 0.06 34.26 -33.41
CA LEU E 21 -1.27 33.88 -32.98
C LEU E 21 -1.24 33.52 -31.50
N SER E 22 -2.32 33.81 -30.79
CA SER E 22 -2.42 33.56 -29.37
C SER E 22 -3.67 32.76 -29.07
N CYS E 23 -3.55 31.80 -28.14
CA CYS E 23 -4.68 30.96 -27.71
C CYS E 23 -4.74 31.04 -26.18
N ARG E 24 -5.48 32.02 -25.68
CA ARG E 24 -5.62 32.19 -24.24
C ARG E 24 -6.67 31.23 -23.69
N ALA E 25 -6.35 30.61 -22.55
CA ALA E 25 -7.25 29.68 -21.89
C ALA E 25 -7.91 30.37 -20.70
N SER E 26 -8.68 29.61 -19.93
CA SER E 26 -9.36 30.13 -18.75
C SER E 26 -9.10 29.29 -17.51
N SER E 27 -8.25 28.27 -17.60
CA SER E 27 -7.93 27.42 -16.47
C SER E 27 -6.54 26.83 -16.68
N SER E 28 -5.95 26.34 -15.60
CA SER E 28 -4.59 25.81 -15.65
C SER E 28 -4.51 24.62 -16.60
N VAL E 29 -3.74 24.78 -17.67
CA VAL E 29 -3.54 23.74 -18.68
C VAL E 29 -2.05 23.58 -18.91
N SER E 30 -1.58 22.34 -18.90
CA SER E 30 -0.15 22.08 -19.01
C SER E 30 0.34 22.29 -20.44
N TYR E 31 -0.23 21.55 -21.40
CA TYR E 31 0.23 21.56 -22.77
C TYR E 31 -0.90 21.95 -23.72
N MET E 32 -0.50 22.47 -24.88
CA MET E 32 -1.42 22.96 -25.89
C MET E 32 -1.01 22.41 -27.25
N HIS E 33 -2.01 22.06 -28.06
CA HIS E 33 -1.77 21.50 -29.39
C HIS E 33 -2.33 22.46 -30.44
N TRP E 34 -1.62 22.55 -31.56
CA TRP E 34 -1.97 23.46 -32.65
C TRP E 34 -2.20 22.66 -33.93
N PHE E 35 -3.34 22.89 -34.57
CA PHE E 35 -3.73 22.28 -35.82
C PHE E 35 -3.98 23.35 -36.87
N GLN E 36 -3.88 22.97 -38.14
CA GLN E 36 -4.26 23.85 -39.24
C GLN E 36 -5.20 23.10 -40.19
N GLN E 37 -6.09 23.85 -40.81
CA GLN E 37 -7.09 23.32 -41.72
C GLN E 37 -7.24 24.22 -42.94
N LYS E 38 -7.27 23.59 -44.10
CA LYS E 38 -7.54 24.22 -45.39
C LYS E 38 -8.92 23.80 -45.88
N PRO E 39 -9.56 24.62 -46.73
CA PRO E 39 -10.90 24.28 -47.22
C PRO E 39 -10.93 22.93 -47.91
N GLY E 40 -11.97 22.15 -47.63
CA GLY E 40 -12.15 20.85 -48.27
C GLY E 40 -11.36 19.72 -47.68
N GLN E 41 -10.65 19.93 -46.56
CA GLN E 41 -9.82 18.91 -45.97
C GLN E 41 -10.00 18.90 -44.45
N ALA E 42 -9.68 17.75 -43.86
CA ALA E 42 -9.75 17.61 -42.40
C ALA E 42 -8.58 18.34 -41.75
N PRO E 43 -8.72 18.70 -40.48
CA PRO E 43 -7.61 19.37 -39.78
C PRO E 43 -6.36 18.50 -39.73
N ARG E 44 -5.21 19.16 -39.81
CA ARG E 44 -3.91 18.49 -39.84
C ARG E 44 -3.10 18.91 -38.63
N LEU E 45 -2.60 17.93 -37.88
CA LEU E 45 -1.79 18.22 -36.71
C LEU E 45 -0.52 18.98 -37.11
N LEU E 46 -0.22 20.04 -36.38
CA LEU E 46 0.91 20.90 -36.67
C LEU E 46 1.95 20.89 -35.56
N ILE E 47 1.55 21.17 -34.32
CA ILE E 47 2.47 21.24 -33.20
C ILE E 47 1.83 20.57 -31.98
N TYR E 48 2.61 19.76 -31.27
CA TYR E 48 2.18 19.13 -30.03
C TYR E 48 3.13 19.48 -28.91
N SER E 49 2.58 19.60 -27.70
CA SER E 49 3.34 19.94 -26.49
C SER E 49 3.99 21.32 -26.58
N THR E 50 3.44 22.19 -27.43
CA THR E 50 3.77 23.61 -27.52
C THR E 50 5.20 23.87 -28.00
N SER E 51 6.01 22.84 -28.17
CA SER E 51 7.38 23.04 -28.60
C SER E 51 7.89 22.00 -29.58
N ASN E 52 7.07 21.05 -30.01
CA ASN E 52 7.51 19.96 -30.85
C ASN E 52 6.82 20.02 -32.20
N LEU E 53 7.60 19.93 -33.27
CA LEU E 53 7.08 19.96 -34.63
C LEU E 53 6.74 18.55 -35.09
N ALA E 54 5.59 18.42 -35.75
CA ALA E 54 5.19 17.13 -36.30
C ALA E 54 6.09 16.74 -37.46
N SER E 55 6.10 15.44 -37.76
CA SER E 55 6.98 14.92 -38.80
C SER E 55 6.62 15.52 -40.17
N GLY E 56 7.62 16.06 -40.84
CA GLY E 56 7.43 16.68 -42.14
C GLY E 56 7.09 18.16 -42.10
N ILE E 57 6.84 18.72 -40.92
CA ILE E 57 6.50 20.14 -40.81
C ILE E 57 7.77 20.97 -40.96
N PRO E 58 7.75 22.03 -41.76
CA PRO E 58 8.95 22.88 -41.91
C PRO E 58 9.34 23.59 -40.62
N ALA E 59 10.47 24.28 -40.64
CA ALA E 59 10.99 24.95 -39.46
C ALA E 59 10.46 26.38 -39.30
N ARG E 60 9.60 26.84 -40.21
CA ARG E 60 9.03 28.17 -40.06
C ARG E 60 8.17 28.27 -38.80
N PHE E 61 7.36 27.26 -38.53
CA PHE E 61 6.44 27.29 -37.41
C PHE E 61 7.19 27.09 -36.09
N SER E 62 6.73 27.78 -35.05
CA SER E 62 7.28 27.59 -33.71
C SER E 62 6.18 27.88 -32.69
N GLY E 63 6.37 27.36 -31.49
CA GLY E 63 5.38 27.54 -30.43
C GLY E 63 6.07 27.82 -29.11
N SER E 64 5.35 28.53 -28.24
CA SER E 64 5.88 28.85 -26.93
C SER E 64 4.73 29.18 -25.98
N GLY E 65 5.07 29.28 -24.70
CA GLY E 65 4.13 29.72 -23.69
C GLY E 65 4.07 28.77 -22.50
N SER E 66 3.41 29.25 -21.46
CA SER E 66 3.20 28.49 -20.23
C SER E 66 2.05 29.15 -19.46
N GLY E 67 1.69 28.54 -18.34
CA GLY E 67 0.54 29.03 -17.59
C GLY E 67 -0.71 28.89 -18.44
N THR E 68 -1.39 30.01 -18.71
CA THR E 68 -2.40 30.07 -19.77
C THR E 68 -2.03 31.29 -20.64
N ASP E 69 -1.03 31.09 -21.49
CA ASP E 69 -0.67 32.05 -22.54
C ASP E 69 0.16 31.28 -23.56
N TYR E 70 -0.47 30.89 -24.66
CA TYR E 70 0.20 30.07 -25.66
C TYR E 70 0.25 30.81 -27.00
N THR E 71 1.42 30.78 -27.63
CA THR E 71 1.69 31.59 -28.82
C THR E 71 2.29 30.73 -29.92
N LEU E 72 1.77 30.91 -31.13
CA LEU E 72 2.27 30.28 -32.34
C LEU E 72 2.90 31.35 -33.22
N THR E 73 4.16 31.16 -33.60
CA THR E 73 4.92 32.14 -34.36
C THR E 73 5.29 31.57 -35.72
N ILE E 74 5.05 32.34 -36.77
CA ILE E 74 5.44 32.00 -38.13
C ILE E 74 6.49 32.99 -38.57
N SER E 75 7.67 32.49 -38.94
CA SER E 75 8.78 33.37 -39.30
C SER E 75 8.59 33.99 -40.69
N SER E 76 8.49 33.16 -41.71
CA SER E 76 8.30 33.61 -43.08
C SER E 76 7.00 33.05 -43.63
N LEU E 77 6.27 33.89 -44.35
CA LEU E 77 4.96 33.53 -44.90
C LEU E 77 5.11 33.24 -46.38
N GLU E 78 5.40 31.98 -46.70
CA GLU E 78 5.36 31.52 -48.08
C GLU E 78 3.91 31.42 -48.54
N PRO E 79 3.67 31.42 -49.86
CA PRO E 79 2.28 31.36 -50.34
C PRO E 79 1.68 29.96 -50.17
N GLU E 80 1.82 29.39 -48.98
CA GLU E 80 1.22 28.11 -48.66
C GLU E 80 0.58 28.09 -47.28
N ASP E 81 0.76 29.14 -46.47
CA ASP E 81 0.33 29.15 -45.08
C ASP E 81 -0.92 30.01 -44.87
N PHE E 82 -1.81 30.05 -45.87
CA PHE E 82 -3.05 30.81 -45.79
C PHE E 82 -4.17 29.82 -45.52
N ALA E 83 -4.50 29.64 -44.25
CA ALA E 83 -5.49 28.66 -43.83
C ALA E 83 -6.04 29.07 -42.47
N VAL E 84 -6.78 28.16 -41.83
CA VAL E 84 -7.35 28.42 -40.50
C VAL E 84 -6.54 27.63 -39.48
N TYR E 85 -6.36 28.21 -38.31
CA TYR E 85 -5.56 27.59 -37.25
C TYR E 85 -6.38 27.42 -36.00
N TYR E 86 -6.24 26.25 -35.36
CA TYR E 86 -7.00 25.92 -34.16
C TYR E 86 -6.06 25.47 -33.06
N CYS E 87 -6.50 25.64 -31.81
CA CYS E 87 -5.76 25.19 -30.64
C CYS E 87 -6.65 24.29 -29.79
N GLN E 88 -6.06 23.23 -29.25
CA GLN E 88 -6.79 22.22 -28.49
C GLN E 88 -6.03 21.89 -27.22
N GLN E 89 -6.79 21.67 -26.14
CA GLN E 89 -6.26 21.22 -24.86
C GLN E 89 -6.82 19.84 -24.54
N ARG E 90 -6.01 19.04 -23.83
CA ARG E 90 -6.36 17.66 -23.52
C ARG E 90 -6.14 17.37 -22.05
N ARG E 91 -6.61 18.27 -21.19
CA ARG E 91 -6.57 18.06 -19.74
C ARG E 91 -7.94 17.73 -19.17
N SER E 92 -8.93 18.59 -19.41
CA SER E 92 -10.29 18.32 -18.97
C SER E 92 -10.92 17.24 -19.84
N PHE E 93 -11.94 16.59 -19.29
CA PHE E 93 -12.64 15.52 -20.00
C PHE E 93 -13.27 16.01 -21.30
N PRO E 94 -14.01 17.15 -21.32
CA PRO E 94 -14.45 17.68 -22.61
C PRO E 94 -13.30 18.41 -23.32
N TYR E 95 -12.78 17.80 -24.38
CA TYR E 95 -11.63 18.35 -25.10
C TYR E 95 -12.13 19.50 -25.98
N THR E 96 -11.96 20.72 -25.49
CA THR E 96 -12.48 21.90 -26.18
C THR E 96 -11.50 22.37 -27.26
N PHE E 97 -12.05 22.77 -28.39
CA PHE E 97 -11.28 23.33 -29.50
C PHE E 97 -11.40 24.85 -29.49
N GLY E 98 -10.51 25.49 -30.25
CA GLY E 98 -10.55 26.93 -30.41
C GLY E 98 -11.59 27.36 -31.44
N GLN E 99 -11.72 28.68 -31.58
CA GLN E 99 -12.68 29.25 -32.51
C GLN E 99 -12.10 29.50 -33.90
N GLY E 100 -10.79 29.41 -34.05
CA GLY E 100 -10.16 29.59 -35.34
C GLY E 100 -9.61 31.00 -35.53
N THR E 101 -8.64 31.11 -36.43
CA THR E 101 -8.02 32.40 -36.75
C THR E 101 -7.67 32.39 -38.23
N LYS E 102 -8.57 32.95 -39.05
CA LYS E 102 -8.31 33.04 -40.48
C LYS E 102 -7.17 34.00 -40.76
N LEU E 103 -6.28 33.60 -41.68
CA LEU E 103 -5.15 34.43 -42.09
C LEU E 103 -5.28 34.69 -43.59
N GLU E 104 -5.23 35.96 -43.97
CA GLU E 104 -5.47 36.35 -45.36
C GLU E 104 -4.34 37.22 -45.88
N ILE E 105 -4.53 37.77 -47.09
CA ILE E 105 -3.54 38.66 -47.69
C ILE E 105 -4.03 40.10 -47.65
#